data_9JPV
#
_entry.id   9JPV
#
_cell.length_a   100.991
_cell.length_b   100.991
_cell.length_c   213.473
_cell.angle_alpha   90.000
_cell.angle_beta   90.000
_cell.angle_gamma   90.000
#
_symmetry.space_group_name_H-M   'P 43 21 2'
#
loop_
_entity.id
_entity.type
_entity.pdbx_description
1 polymer Fab-VHCH1-1
2 polymer Fab-CL-1
3 water water
#
loop_
_entity_poly.entity_id
_entity_poly.type
_entity_poly.pdbx_seq_one_letter_code
_entity_poly.pdbx_strand_id
1 'polypeptide(L)'
;QVQLQESGPGLVKPSETLSLTCTVSGFSLTSYYVQWIRQPPGKGLEWMGFIRSGGNTDYNSEFKSRLTISRDTSKNQVSL
KLSSVTAADTAVYYCVRGGEYNWDYFEYWGQGTLVTVSSASTKGPSVFPLAPSSKSTSGGTAALGCLVKDYFPEPVTVSW
NSGALTSGVHTFPAVLQSSGLYSLSSVVTVPSSSLGTQTYICNVNHKPSNTKVDKKVEPKSC
;
A,C
2 'polypeptide(L)'
;DIVLTQSPASLAVSPGERATISCRASQSVTIFSINLMQWFQQKPGQPPKLLIYRASNLASGVPDRFSGSGSGTDFTLTIS
RVEAEDVAVYYCQQTRESPPTFGQGTKLEIKRTVAAPSVFIFPPSDEQLKSGTASVVCLLNNFYPREAKVQWKVDNALQS
GNSQESVTEQDSKDSTYSLSSTLTLSKADYEKHKVYACEVTHQGLSSPVTKSFNRGEC
;
B,D
#
# COMPACT_ATOMS: atom_id res chain seq x y z
N GLN A 5 7.81 15.89 -13.08
CA GLN A 5 8.67 15.21 -12.07
C GLN A 5 8.55 15.93 -10.71
N GLU A 6 7.92 17.11 -10.68
CA GLU A 6 7.75 17.82 -9.38
C GLU A 6 6.80 17.02 -8.49
N SER A 7 7.04 17.06 -7.17
CA SER A 7 6.42 16.23 -6.10
C SER A 7 6.43 14.75 -6.50
N GLY A 8 7.57 14.35 -7.06
CA GLY A 8 7.85 12.93 -7.33
C GLY A 8 9.25 12.59 -6.87
N PRO A 9 9.53 12.49 -5.55
CA PRO A 9 10.89 12.27 -5.03
C PRO A 9 11.52 10.94 -5.44
N GLY A 10 12.85 10.84 -5.36
CA GLY A 10 13.51 9.56 -5.69
C GLY A 10 15.02 9.55 -5.57
N LEU A 11 15.67 8.65 -6.30
CA LEU A 11 17.13 8.47 -6.24
C LEU A 11 17.82 8.83 -7.54
N VAL A 12 19.02 9.42 -7.45
CA VAL A 12 19.84 9.70 -8.66
C VAL A 12 21.26 9.22 -8.31
N LYS A 13 21.77 8.18 -8.97
CA LYS A 13 23.08 7.61 -8.57
C LYS A 13 24.20 8.65 -8.71
N PRO A 14 25.22 8.62 -7.82
CA PRO A 14 26.36 9.52 -7.95
C PRO A 14 26.99 9.48 -9.35
N SER A 15 27.41 10.63 -9.89
CA SER A 15 28.05 10.85 -11.22
C SER A 15 27.00 10.92 -12.33
N GLU A 16 25.75 10.64 -12.03
CA GLU A 16 24.68 10.69 -13.05
C GLU A 16 24.09 12.10 -13.12
N THR A 17 23.06 12.27 -13.94
CA THR A 17 22.49 13.61 -14.15
C THR A 17 21.06 13.68 -13.59
N LEU A 18 20.81 14.62 -12.70
CA LEU A 18 19.44 14.82 -12.18
C LEU A 18 18.65 15.64 -13.20
N SER A 19 17.47 15.16 -13.58
CA SER A 19 16.56 15.92 -14.46
C SER A 19 15.23 16.05 -13.73
N LEU A 20 14.84 17.27 -13.44
CA LEU A 20 13.57 17.51 -12.75
C LEU A 20 12.70 18.34 -13.69
N THR A 21 11.41 18.06 -13.69
CA THR A 21 10.47 18.79 -14.57
C THR A 21 9.36 19.41 -13.74
N CYS A 22 8.92 20.58 -14.14
CA CYS A 22 7.88 21.29 -13.41
C CYS A 22 6.86 21.75 -14.46
N THR A 23 5.59 21.65 -14.11
CA THR A 23 4.54 22.12 -15.03
C THR A 23 4.16 23.54 -14.60
N VAL A 24 4.25 24.46 -15.54
CA VAL A 24 3.94 25.88 -15.25
C VAL A 24 2.74 26.33 -16.10
N SER A 25 1.94 27.23 -15.57
CA SER A 25 0.63 27.73 -16.02
C SER A 25 0.80 29.11 -16.63
N GLY A 26 1.89 29.77 -16.28
CA GLY A 26 1.91 31.22 -16.49
C GLY A 26 2.93 31.76 -17.46
N PHE A 27 3.37 31.00 -18.45
CA PHE A 27 4.23 31.61 -19.51
C PHE A 27 3.49 32.83 -20.07
N SER A 28 2.17 32.86 -19.97
CA SER A 28 1.29 33.96 -20.44
C SER A 28 1.40 35.19 -19.55
N LEU A 29 1.68 35.00 -18.26
CA LEU A 29 1.62 36.12 -17.28
C LEU A 29 2.77 37.13 -17.45
N THR A 30 2.60 38.33 -16.89
CA THR A 30 3.64 39.39 -16.98
C THR A 30 4.76 39.14 -15.96
N SER A 31 6.01 39.46 -16.33
CA SER A 31 7.09 39.31 -15.33
C SER A 31 7.41 37.85 -15.09
N TYR A 32 6.86 36.93 -15.88
CA TYR A 32 6.94 35.50 -15.53
C TYR A 32 8.32 34.90 -15.67
N TYR A 33 8.70 34.17 -14.63
CA TYR A 33 10.00 33.48 -14.65
C TYR A 33 9.91 32.30 -13.68
N VAL A 34 10.78 31.33 -13.87
CA VAL A 34 10.85 30.18 -12.94
C VAL A 34 12.25 30.15 -12.35
N GLN A 35 12.31 30.17 -11.02
CA GLN A 35 13.61 30.04 -10.32
C GLN A 35 13.70 28.62 -9.77
N TRP A 36 14.90 28.07 -9.74
CA TRP A 36 15.16 26.76 -9.11
C TRP A 36 15.96 27.02 -7.85
N ILE A 37 15.40 26.64 -6.70
CA ILE A 37 16.05 26.89 -5.39
C ILE A 37 16.03 25.57 -4.62
N ARG A 38 17.13 25.22 -3.96
CA ARG A 38 17.23 23.94 -3.24
C ARG A 38 17.54 24.12 -1.75
N GLN A 39 17.16 23.14 -0.95
CA GLN A 39 17.35 23.18 0.50
C GLN A 39 17.89 21.83 0.92
N PRO A 40 19.23 21.72 1.13
CA PRO A 40 19.76 20.49 1.65
C PRO A 40 19.15 20.16 3.03
N PRO A 41 19.16 18.87 3.46
CA PRO A 41 18.55 18.47 4.74
C PRO A 41 19.15 19.15 5.96
N GLY A 42 18.28 19.77 6.77
CA GLY A 42 18.69 20.48 7.99
C GLY A 42 19.35 21.81 7.70
N LYS A 43 19.27 22.24 6.45
CA LYS A 43 19.99 23.46 6.04
C LYS A 43 19.04 24.53 5.48
N GLY A 44 19.62 25.63 5.08
CA GLY A 44 18.84 26.74 4.49
C GLY A 44 18.69 26.66 3.00
N LEU A 45 18.55 27.80 2.37
CA LEU A 45 18.16 27.83 0.95
C LEU A 45 19.28 28.30 0.04
N GLU A 46 19.36 27.69 -1.14
CA GLU A 46 20.41 28.01 -2.11
C GLU A 46 19.80 28.23 -3.50
N TRP A 47 19.93 29.43 -4.04
CA TRP A 47 19.40 29.76 -5.38
C TRP A 47 20.30 29.21 -6.47
N MET A 48 19.71 28.54 -7.44
CA MET A 48 20.52 27.88 -8.48
C MET A 48 20.46 28.66 -9.79
N GLY A 49 19.26 29.06 -10.19
CA GLY A 49 19.11 29.80 -11.44
C GLY A 49 17.69 30.13 -11.82
N PHE A 50 17.53 30.83 -12.94
CA PHE A 50 16.17 31.15 -13.43
C PHE A 50 16.08 31.05 -14.95
N ILE A 51 14.85 30.88 -15.43
CA ILE A 51 14.56 30.93 -16.88
C ILE A 51 13.44 31.96 -16.98
N ARG A 52 13.57 32.90 -17.89
CA ARG A 52 12.61 34.00 -18.06
C ARG A 52 11.89 33.91 -19.40
N SER A 53 11.25 35.00 -19.77
CA SER A 53 10.64 35.25 -21.11
C SER A 53 11.64 34.93 -22.22
N GLY A 54 11.25 34.18 -23.24
CA GLY A 54 12.15 33.92 -24.37
C GLY A 54 13.23 32.93 -24.05
N GLY A 55 13.10 32.22 -22.93
CA GLY A 55 14.08 31.19 -22.56
C GLY A 55 15.40 31.77 -22.12
N ASN A 56 15.45 33.08 -21.89
CA ASN A 56 16.67 33.69 -21.33
C ASN A 56 16.91 33.08 -19.94
N THR A 57 18.15 32.75 -19.64
CA THR A 57 18.48 32.06 -18.38
C THR A 57 19.60 32.76 -17.61
N ASP A 58 19.66 32.55 -16.31
CA ASP A 58 20.74 33.07 -15.45
C ASP A 58 21.08 31.97 -14.45
N TYR A 59 22.36 31.76 -14.16
CA TYR A 59 22.77 30.65 -13.28
C TYR A 59 23.74 31.10 -12.20
N ASN A 60 23.68 30.45 -11.04
CA ASN A 60 24.66 30.69 -9.97
C ASN A 60 25.97 30.08 -10.44
N SER A 61 27.08 30.79 -10.28
CA SER A 61 28.38 30.30 -10.81
C SER A 61 28.85 29.04 -10.09
N GLU A 62 28.33 28.75 -8.90
CA GLU A 62 28.69 27.46 -8.23
C GLU A 62 28.25 26.27 -9.09
N PHE A 63 27.18 26.41 -9.86
CA PHE A 63 26.63 25.25 -10.60
C PHE A 63 26.70 25.44 -12.11
N LYS A 64 27.12 26.61 -12.61
CA LYS A 64 27.19 26.91 -14.08
C LYS A 64 27.93 25.82 -14.84
N SER A 65 28.89 25.16 -14.20
CA SER A 65 29.59 24.03 -14.81
C SER A 65 28.62 22.89 -15.13
N ARG A 66 27.65 22.61 -14.27
CA ARG A 66 26.80 21.40 -14.42
C ARG A 66 25.32 21.69 -14.49
N LEU A 67 24.89 22.94 -14.66
CA LEU A 67 23.45 23.24 -14.59
C LEU A 67 22.89 23.81 -15.88
N THR A 68 21.84 23.17 -16.38
CA THR A 68 21.12 23.71 -17.54
C THR A 68 19.65 23.80 -17.13
N ILE A 69 19.05 24.97 -17.31
CA ILE A 69 17.59 25.16 -17.08
C ILE A 69 16.97 25.39 -18.46
N SER A 70 15.91 24.65 -18.74
CA SER A 70 15.29 24.73 -20.08
C SER A 70 13.79 24.86 -19.94
N ARG A 71 13.13 25.22 -21.04
CA ARG A 71 11.65 25.27 -21.02
C ARG A 71 11.08 24.63 -22.27
N ASP A 72 9.88 24.10 -22.16
CA ASP A 72 9.18 23.49 -23.32
C ASP A 72 7.81 24.15 -23.39
N THR A 73 7.67 25.10 -24.30
CA THR A 73 6.40 25.81 -24.52
C THR A 73 5.29 24.85 -24.96
N SER A 74 5.66 23.78 -25.66
CA SER A 74 4.71 22.76 -26.15
C SER A 74 4.00 22.14 -24.97
N LYS A 75 4.74 21.89 -23.91
CA LYS A 75 4.11 21.13 -22.80
C LYS A 75 3.95 21.99 -21.55
N ASN A 76 4.17 23.30 -21.64
CA ASN A 76 4.02 24.22 -20.48
C ASN A 76 4.89 23.67 -19.36
N GLN A 77 6.13 23.35 -19.70
CA GLN A 77 7.02 22.71 -18.73
C GLN A 77 8.37 23.41 -18.66
N VAL A 78 8.99 23.38 -17.49
CA VAL A 78 10.37 23.90 -17.32
C VAL A 78 11.14 22.78 -16.64
N SER A 79 12.40 22.66 -17.02
CA SER A 79 13.23 21.55 -16.52
C SER A 79 14.57 22.01 -15.96
N LEU A 80 15.11 21.25 -15.03
CA LEU A 80 16.46 21.50 -14.46
C LEU A 80 17.28 20.25 -14.78
N LYS A 81 18.52 20.43 -15.19
CA LYS A 81 19.40 19.27 -15.38
C LYS A 81 20.72 19.56 -14.67
N LEU A 82 21.06 18.71 -13.70
CA LEU A 82 22.30 18.89 -12.88
C LEU A 82 23.20 17.67 -13.08
N SER A 83 24.28 17.83 -13.82
CA SER A 83 25.18 16.70 -14.15
C SER A 83 26.17 16.39 -13.03
N SER A 84 26.81 15.24 -13.11
CA SER A 84 27.86 14.81 -12.15
C SER A 84 27.43 15.05 -10.70
N VAL A 85 26.32 14.41 -10.34
CA VAL A 85 25.77 14.66 -8.98
C VAL A 85 26.59 13.97 -7.90
N THR A 86 26.64 14.60 -6.74
CA THR A 86 27.26 13.97 -5.56
C THR A 86 26.25 14.00 -4.41
N ALA A 87 26.61 13.48 -3.26
CA ALA A 87 25.76 13.50 -2.04
C ALA A 87 25.47 14.94 -1.58
N ALA A 88 26.28 15.90 -1.97
CA ALA A 88 26.03 17.31 -1.62
C ALA A 88 24.84 17.88 -2.40
N ASP A 89 24.41 17.18 -3.44
CA ASP A 89 23.26 17.64 -4.24
C ASP A 89 21.97 17.06 -3.67
N THR A 90 22.08 16.24 -2.64
CA THR A 90 20.88 15.71 -1.95
C THR A 90 20.16 16.88 -1.29
N ALA A 91 18.94 17.16 -1.72
CA ALA A 91 18.19 18.33 -1.24
C ALA A 91 16.76 18.35 -1.75
N VAL A 92 15.97 19.21 -1.15
CA VAL A 92 14.61 19.43 -1.69
C VAL A 92 14.79 20.49 -2.78
N TYR A 93 14.34 20.18 -3.98
CA TYR A 93 14.41 21.13 -5.11
C TYR A 93 13.05 21.79 -5.28
N TYR A 94 13.07 23.10 -5.40
CA TYR A 94 11.81 23.86 -5.57
C TYR A 94 11.74 24.54 -6.93
N CYS A 95 10.64 24.34 -7.65
CA CYS A 95 10.39 25.07 -8.90
C CYS A 95 9.53 26.27 -8.50
N VAL A 96 10.11 27.45 -8.52
CA VAL A 96 9.42 28.66 -7.99
C VAL A 96 8.88 29.49 -9.14
N ARG A 97 7.56 29.53 -9.23
CA ARG A 97 6.86 30.30 -10.27
C ARG A 97 6.60 31.69 -9.71
N GLY A 98 7.02 32.70 -10.43
CA GLY A 98 6.86 34.08 -9.97
C GLY A 98 6.42 35.01 -11.06
N GLY A 99 5.83 36.12 -10.66
CA GLY A 99 5.38 37.12 -11.61
C GLY A 99 4.48 38.12 -10.92
N GLU A 100 3.72 38.87 -11.71
CA GLU A 100 2.77 39.90 -11.22
C GLU A 100 1.35 39.39 -11.36
N TYR A 101 0.52 39.35 -10.32
CA TYR A 101 -0.92 39.08 -10.52
C TYR A 101 -1.71 39.88 -9.50
N ASN A 102 -2.89 40.30 -9.96
CA ASN A 102 -3.70 41.32 -9.27
C ASN A 102 -2.76 42.51 -9.08
N TRP A 103 -2.56 42.99 -7.86
CA TRP A 103 -1.75 44.19 -7.69
C TRP A 103 -0.47 43.84 -6.93
N ASP A 104 -0.05 42.58 -7.01
CA ASP A 104 1.10 42.14 -6.17
C ASP A 104 2.04 41.16 -6.86
N TYR A 105 3.33 41.30 -6.58
CA TYR A 105 4.27 40.26 -7.02
C TYR A 105 3.93 39.01 -6.21
N PHE A 106 4.12 37.85 -6.82
CA PHE A 106 3.84 36.57 -6.13
C PHE A 106 4.91 35.53 -6.42
N GLU A 107 5.06 34.59 -5.51
CA GLU A 107 5.94 33.44 -5.78
C GLU A 107 5.18 32.19 -5.34
N TYR A 108 5.07 31.19 -6.20
CA TYR A 108 4.48 29.89 -5.84
C TYR A 108 5.61 28.87 -5.87
N TRP A 109 5.94 28.34 -4.71
CA TRP A 109 7.11 27.44 -4.59
C TRP A 109 6.78 25.97 -4.89
N GLY A 110 5.51 25.65 -5.10
CA GLY A 110 5.14 24.25 -5.29
C GLY A 110 5.31 23.40 -4.05
N GLN A 111 5.41 22.10 -4.24
CA GLN A 111 5.45 21.12 -3.14
C GLN A 111 6.91 20.81 -2.78
N GLY A 112 7.79 20.93 -3.75
CA GLY A 112 9.19 20.53 -3.55
C GLY A 112 9.43 19.08 -3.89
N THR A 113 10.61 18.76 -4.38
CA THR A 113 10.96 17.36 -4.69
C THR A 113 12.26 17.02 -3.97
N LEU A 114 12.21 16.07 -3.05
CA LEU A 114 13.43 15.59 -2.37
C LEU A 114 14.18 14.66 -3.29
N VAL A 115 15.38 15.05 -3.64
CA VAL A 115 16.25 14.20 -4.49
C VAL A 115 17.36 13.68 -3.61
N THR A 116 17.51 12.37 -3.56
CA THR A 116 18.58 11.75 -2.76
C THR A 116 19.61 11.15 -3.73
N VAL A 117 20.85 11.59 -3.59
CA VAL A 117 21.96 11.07 -4.43
C VAL A 117 22.60 9.91 -3.66
N SER A 118 22.31 8.70 -4.11
CA SER A 118 22.72 7.44 -3.43
C SER A 118 22.99 6.32 -4.43
N SER A 119 23.95 5.45 -4.15
CA SER A 119 24.12 4.24 -4.99
C SER A 119 23.18 3.13 -4.51
N ALA A 120 22.59 3.32 -3.34
CA ALA A 120 21.68 2.33 -2.78
C ALA A 120 20.35 2.28 -3.52
N SER A 121 19.73 1.11 -3.52
CA SER A 121 18.47 0.88 -4.24
C SER A 121 17.26 1.32 -3.40
N THR A 122 16.15 1.60 -4.06
CA THR A 122 14.91 1.97 -3.36
C THR A 122 14.32 0.77 -2.65
N LYS A 123 13.69 1.02 -1.52
CA LYS A 123 13.01 -0.04 -0.78
C LYS A 123 11.71 0.52 -0.21
N GLY A 124 10.62 -0.14 -0.53
CA GLY A 124 9.33 0.27 0.01
C GLY A 124 9.16 -0.08 1.47
N PRO A 125 8.24 0.61 2.19
CA PRO A 125 8.10 0.37 3.60
C PRO A 125 7.33 -0.87 4.08
N SER A 126 7.69 -1.32 5.27
CA SER A 126 6.93 -2.35 5.97
C SER A 126 6.05 -1.57 6.95
N VAL A 127 4.74 -1.73 6.89
CA VAL A 127 3.85 -0.94 7.78
C VAL A 127 3.25 -1.86 8.85
N PHE A 128 3.45 -1.50 10.10
CA PHE A 128 2.93 -2.30 11.22
C PHE A 128 2.02 -1.46 12.10
N PRO A 129 0.95 -2.05 12.70
CA PRO A 129 0.10 -1.29 13.56
C PRO A 129 0.60 -0.94 14.96
N LEU A 130 0.28 0.26 15.40
CA LEU A 130 0.51 0.67 16.80
C LEU A 130 -0.91 0.58 17.36
N ALA A 131 -1.27 -0.59 17.86
CA ALA A 131 -2.67 -0.83 18.19
C ALA A 131 -3.16 -0.25 19.51
N PRO A 132 -4.42 0.28 19.54
CA PRO A 132 -4.97 0.79 20.76
C PRO A 132 -5.26 -0.30 21.80
N SER A 133 -5.02 0.00 23.05
CA SER A 133 -5.25 -0.95 24.15
C SER A 133 -5.54 -0.18 25.42
N SER A 134 -5.67 -0.89 26.55
CA SER A 134 -5.79 -0.23 27.87
C SER A 134 -4.52 0.58 28.17
N LYS A 135 -3.41 0.29 27.52
CA LYS A 135 -2.12 0.98 27.79
C LYS A 135 -1.95 2.18 26.86
N SER A 136 -2.93 2.42 25.99
CA SER A 136 -2.92 3.55 25.03
C SER A 136 -4.16 4.39 25.30
N THR A 137 -4.61 4.48 26.55
CA THR A 137 -5.85 5.22 26.88
C THR A 137 -5.66 6.26 27.99
N SER A 138 -6.31 7.40 27.86
CA SER A 138 -6.22 8.50 28.83
C SER A 138 -7.55 9.23 28.85
N GLY A 139 -8.38 9.00 29.86
CA GLY A 139 -9.63 9.76 30.01
C GLY A 139 -10.54 9.76 28.82
N GLY A 140 -10.86 8.59 28.29
CA GLY A 140 -11.81 8.56 27.17
C GLY A 140 -11.11 8.78 25.85
N THR A 141 -9.81 9.02 25.88
CA THR A 141 -9.01 9.22 24.66
C THR A 141 -8.10 8.01 24.44
N ALA A 142 -8.02 7.54 23.21
CA ALA A 142 -7.13 6.42 22.88
C ALA A 142 -6.14 6.85 21.80
N ALA A 143 -4.92 6.39 21.94
CA ALA A 143 -3.93 6.64 20.88
C ALA A 143 -3.74 5.39 20.03
N LEU A 144 -3.58 5.62 18.75
CA LEU A 144 -3.32 4.52 17.81
C LEU A 144 -2.42 5.06 16.71
N GLY A 145 -1.86 4.16 15.92
CA GLY A 145 -0.95 4.60 14.88
C GLY A 145 -0.35 3.54 13.99
N CYS A 146 0.59 3.96 13.17
CA CYS A 146 1.29 3.06 12.25
C CYS A 146 2.80 3.26 12.39
N LEU A 147 3.54 2.16 12.46
CA LEU A 147 5.01 2.23 12.41
C LEU A 147 5.40 1.95 10.96
N VAL A 148 6.07 2.90 10.35
CA VAL A 148 6.49 2.80 8.93
C VAL A 148 7.98 2.49 8.99
N LYS A 149 8.33 1.28 8.61
CA LYS A 149 9.72 0.84 8.82
C LYS A 149 10.50 0.41 7.59
N ASP A 150 11.81 0.57 7.64
CA ASP A 150 12.74 0.01 6.61
C ASP A 150 12.42 0.48 5.19
N TYR A 151 12.41 1.79 5.00
CA TYR A 151 12.24 2.34 3.64
C TYR A 151 13.45 3.16 3.22
N PHE A 152 13.66 3.31 1.91
CA PHE A 152 14.75 4.13 1.36
C PHE A 152 14.36 4.51 -0.07
N PRO A 153 14.67 5.74 -0.53
CA PRO A 153 15.04 6.83 0.35
C PRO A 153 13.86 7.59 0.94
N GLU A 154 14.14 8.71 1.60
CA GLU A 154 13.02 9.57 2.06
C GLU A 154 12.43 10.21 0.79
N PRO A 155 11.17 10.69 0.79
CA PRO A 155 10.31 10.64 1.95
C PRO A 155 9.05 9.78 1.95
N VAL A 156 8.44 9.67 3.12
CA VAL A 156 7.13 8.99 3.22
C VAL A 156 6.11 10.03 3.70
N THR A 157 4.94 10.07 3.07
CA THR A 157 3.83 10.92 3.55
C THR A 157 2.77 9.99 4.14
N VAL A 158 2.16 10.38 5.26
CA VAL A 158 1.13 9.52 5.90
C VAL A 158 -0.19 10.29 6.06
N SER A 159 -1.28 9.71 5.60
CA SER A 159 -2.62 10.29 5.82
C SER A 159 -3.45 9.30 6.65
N TRP A 160 -4.55 9.75 7.21
CA TRP A 160 -5.47 8.86 7.96
C TRP A 160 -6.87 8.93 7.35
N ASN A 161 -7.46 7.77 7.07
CA ASN A 161 -8.82 7.67 6.45
C ASN A 161 -8.85 8.53 5.18
N SER A 162 -7.80 8.44 4.36
CA SER A 162 -7.69 9.16 3.07
C SER A 162 -7.91 10.67 3.24
N GLY A 163 -7.41 11.23 4.35
CA GLY A 163 -7.47 12.69 4.57
C GLY A 163 -8.68 13.16 5.36
N ALA A 164 -9.59 12.25 5.68
CA ALA A 164 -10.79 12.59 6.47
C ALA A 164 -10.41 12.83 7.93
N LEU A 165 -9.38 12.16 8.43
CA LEU A 165 -8.93 12.32 9.84
C LEU A 165 -7.65 13.13 9.86
N THR A 166 -7.71 14.36 10.38
CA THR A 166 -6.55 15.28 10.42
C THR A 166 -6.31 15.75 11.85
N SER A 167 -7.36 15.85 12.66
CA SER A 167 -7.26 16.34 14.05
C SER A 167 -6.59 15.30 14.95
N GLY A 168 -5.52 15.70 15.63
CA GLY A 168 -4.85 14.80 16.57
C GLY A 168 -3.77 13.96 15.93
N VAL A 169 -3.50 14.21 14.65
CA VAL A 169 -2.47 13.42 13.93
C VAL A 169 -1.08 14.01 14.19
N HIS A 170 -0.14 13.16 14.55
CA HIS A 170 1.27 13.59 14.69
C HIS A 170 2.15 12.60 13.92
N THR A 171 2.78 13.07 12.86
CA THR A 171 3.71 12.22 12.06
C THR A 171 5.12 12.65 12.44
N PHE A 172 5.89 11.73 12.97
CA PHE A 172 7.23 12.06 13.50
C PHE A 172 8.27 12.14 12.39
N PRO A 173 9.31 12.96 12.59
CA PRO A 173 10.40 13.00 11.65
C PRO A 173 11.03 11.60 11.54
N ALA A 174 11.44 11.23 10.34
CA ALA A 174 12.08 9.91 10.14
C ALA A 174 13.44 9.83 10.83
N VAL A 175 13.81 8.63 11.24
CA VAL A 175 15.12 8.36 11.87
C VAL A 175 15.90 7.44 10.94
N LEU A 176 17.13 7.78 10.60
CA LEU A 176 17.98 6.84 9.83
C LEU A 176 18.50 5.78 10.80
N GLN A 177 18.24 4.52 10.48
CA GLN A 177 18.66 3.42 11.39
C GLN A 177 20.05 2.91 11.01
N SER A 178 20.62 2.03 11.84
CA SER A 178 21.92 1.32 11.67
C SER A 178 22.01 0.70 10.27
N SER A 179 20.87 0.22 9.81
CA SER A 179 20.75 -0.52 8.54
C SER A 179 20.88 0.37 7.31
N GLY A 180 20.83 1.70 7.47
CA GLY A 180 20.82 2.61 6.31
C GLY A 180 19.41 2.81 5.79
N LEU A 181 18.42 2.23 6.46
CA LEU A 181 17.00 2.38 6.10
C LEU A 181 16.31 3.31 7.09
N TYR A 182 15.25 3.97 6.67
CA TYR A 182 14.57 4.95 7.54
C TYR A 182 13.36 4.33 8.24
N SER A 183 12.94 4.95 9.34
CA SER A 183 11.73 4.50 10.09
C SER A 183 11.01 5.73 10.64
N LEU A 184 9.68 5.72 10.62
CA LEU A 184 8.93 6.79 11.32
C LEU A 184 7.63 6.20 11.86
N SER A 185 7.00 6.92 12.77
CA SER A 185 5.67 6.50 13.26
C SER A 185 4.69 7.66 13.08
N SER A 186 3.46 7.35 12.72
CA SER A 186 2.39 8.40 12.68
C SER A 186 1.35 7.94 13.69
N VAL A 187 0.95 8.85 14.55
CA VAL A 187 -0.02 8.51 15.63
C VAL A 187 -1.24 9.42 15.53
N VAL A 188 -2.34 9.00 16.12
CA VAL A 188 -3.57 9.84 16.18
C VAL A 188 -4.31 9.53 17.49
N THR A 189 -4.86 10.55 18.13
CA THR A 189 -5.67 10.35 19.34
C THR A 189 -7.15 10.44 18.96
N VAL A 190 -7.95 9.48 19.42
CA VAL A 190 -9.38 9.42 19.05
C VAL A 190 -10.21 9.06 20.29
N PRO A 191 -11.55 9.24 20.28
CA PRO A 191 -12.37 8.76 21.38
C PRO A 191 -12.29 7.23 21.55
N SER A 192 -12.12 6.75 22.77
CA SER A 192 -12.08 5.30 23.03
C SER A 192 -13.39 4.64 22.62
N SER A 193 -14.49 5.41 22.61
CA SER A 193 -15.83 4.96 22.14
C SER A 193 -15.81 4.60 20.65
N SER A 194 -14.95 5.25 19.88
CA SER A 194 -14.90 5.06 18.41
C SER A 194 -14.20 3.76 18.02
N LEU A 195 -13.45 3.15 18.93
CA LEU A 195 -12.62 1.97 18.58
C LEU A 195 -13.48 0.82 18.01
N GLY A 196 -14.70 0.64 18.51
CA GLY A 196 -15.57 -0.43 17.99
C GLY A 196 -16.45 -0.01 16.82
N THR A 197 -16.59 1.28 16.56
CA THR A 197 -17.51 1.78 15.51
C THR A 197 -16.77 2.37 14.31
N GLN A 198 -15.59 2.97 14.51
CA GLN A 198 -14.91 3.68 13.40
C GLN A 198 -13.69 2.91 12.89
N THR A 199 -13.56 2.82 11.57
CA THR A 199 -12.38 2.15 10.96
C THR A 199 -11.22 3.15 10.88
N TYR A 200 -10.03 2.72 11.28
CA TYR A 200 -8.84 3.59 11.22
C TYR A 200 -7.82 2.97 10.28
N ILE A 201 -7.52 3.70 9.20
CA ILE A 201 -6.56 3.22 8.18
C ILE A 201 -5.49 4.28 7.96
N CYS A 202 -4.22 3.90 8.10
CA CYS A 202 -3.08 4.78 7.78
C CYS A 202 -2.79 4.66 6.28
N ASN A 203 -2.72 5.75 5.55
CA ASN A 203 -2.35 5.69 4.13
C ASN A 203 -0.89 6.15 4.02
N VAL A 204 0.02 5.23 3.70
CA VAL A 204 1.47 5.54 3.65
C VAL A 204 1.92 5.63 2.19
N ASN A 205 2.44 6.77 1.78
CA ASN A 205 2.88 6.98 0.39
C ASN A 205 4.42 7.02 0.30
N HIS A 206 5.01 6.13 -0.49
CA HIS A 206 6.47 6.13 -0.72
C HIS A 206 6.70 6.28 -2.23
N LYS A 207 6.59 7.50 -2.72
CA LYS A 207 6.76 7.78 -4.16
C LYS A 207 8.12 7.30 -4.70
N PRO A 208 9.28 7.38 -3.99
CA PRO A 208 10.52 6.84 -4.54
C PRO A 208 10.47 5.36 -4.96
N SER A 209 9.68 4.54 -4.29
CA SER A 209 9.54 3.10 -4.61
C SER A 209 8.26 2.82 -5.39
N ASN A 210 7.48 3.85 -5.72
CA ASN A 210 6.19 3.71 -6.44
C ASN A 210 5.27 2.82 -5.61
N THR A 211 5.28 2.99 -4.29
CA THR A 211 4.52 2.11 -3.39
C THR A 211 3.58 2.92 -2.48
N LYS A 212 2.35 2.48 -2.33
CA LYS A 212 1.42 3.08 -1.36
C LYS A 212 0.83 1.93 -0.53
N VAL A 213 0.93 2.05 0.79
CA VAL A 213 0.47 0.97 1.69
C VAL A 213 -0.61 1.49 2.61
N ASP A 214 -1.74 0.84 2.62
CA ASP A 214 -2.86 1.18 3.51
C ASP A 214 -2.90 0.11 4.61
N LYS A 215 -2.89 0.53 5.86
CA LYS A 215 -2.92 -0.42 6.98
C LYS A 215 -4.08 -0.12 7.92
N LYS A 216 -4.99 -1.07 8.04
CA LYS A 216 -6.10 -0.92 9.00
C LYS A 216 -5.57 -1.27 10.39
N VAL A 217 -5.78 -0.38 11.34
CA VAL A 217 -5.30 -0.57 12.72
C VAL A 217 -6.50 -0.93 13.59
N GLU A 218 -6.47 -2.11 14.17
CA GLU A 218 -7.63 -2.62 14.92
C GLU A 218 -7.34 -2.67 16.40
N PRO A 219 -8.37 -2.46 17.28
CA PRO A 219 -8.15 -2.49 18.69
C PRO A 219 -7.74 -3.86 19.21
N LYS A 220 -7.00 -3.85 20.31
CA LYS A 220 -6.60 -5.11 20.98
C LYS A 220 -7.69 -5.52 21.98
N ASP B 1 29.53 37.84 -3.48
CA ASP B 1 28.11 37.58 -3.18
C ASP B 1 27.71 38.31 -1.90
N ILE B 2 26.51 38.90 -1.87
CA ILE B 2 26.03 39.63 -0.66
C ILE B 2 25.73 38.59 0.43
N VAL B 3 26.23 38.81 1.62
CA VAL B 3 25.93 37.92 2.77
C VAL B 3 24.88 38.60 3.64
N LEU B 4 23.87 37.83 3.99
CA LEU B 4 22.78 38.32 4.85
C LEU B 4 22.90 37.62 6.21
N THR B 5 22.91 38.42 7.27
CA THR B 5 23.09 37.88 8.63
C THR B 5 21.88 38.27 9.48
N GLN B 6 21.12 37.28 9.89
CA GLN B 6 19.89 37.53 10.67
C GLN B 6 20.13 37.50 12.19
N SER B 7 19.32 38.23 12.93
CA SER B 7 19.36 38.24 14.40
C SER B 7 17.92 38.47 14.88
N PRO B 8 17.41 37.72 15.88
CA PRO B 8 18.20 36.70 16.53
C PRO B 8 18.24 35.35 15.82
N ALA B 9 19.06 34.43 16.29
CA ALA B 9 19.06 33.07 15.70
C ALA B 9 17.75 32.37 16.05
N SER B 10 17.27 32.60 17.25
CA SER B 10 16.04 31.96 17.77
C SER B 10 15.39 32.88 18.80
N LEU B 11 14.07 32.83 18.89
CA LEU B 11 13.34 33.61 19.91
C LEU B 11 12.04 32.91 20.28
N ALA B 12 11.61 33.11 21.51
CA ALA B 12 10.33 32.56 21.98
C ALA B 12 9.39 33.70 22.38
N VAL B 13 8.22 33.74 21.78
CA VAL B 13 7.26 34.85 21.97
C VAL B 13 5.89 34.32 22.39
N SER B 14 5.30 34.95 23.38
CA SER B 14 3.96 34.61 23.90
C SER B 14 2.93 35.08 22.88
N PRO B 15 1.81 34.34 22.65
CA PRO B 15 0.79 34.81 21.76
C PRO B 15 0.27 36.20 22.11
N GLY B 16 0.05 37.03 21.11
CA GLY B 16 -0.42 38.42 21.32
C GLY B 16 0.74 39.40 21.38
N GLU B 17 1.93 38.90 21.61
CA GLU B 17 3.09 39.79 21.78
C GLU B 17 3.86 39.99 20.46
N ARG B 18 4.82 40.89 20.47
CA ARG B 18 5.56 41.26 19.24
C ARG B 18 6.84 40.46 19.02
N ALA B 19 7.08 40.09 17.78
CA ALA B 19 8.35 39.46 17.42
C ALA B 19 9.10 40.40 16.49
N THR B 20 10.37 40.61 16.75
CA THR B 20 11.20 41.52 15.94
C THR B 20 12.40 40.73 15.42
N ILE B 21 12.48 40.58 14.11
CA ILE B 21 13.59 39.83 13.46
C ILE B 21 14.35 40.79 12.54
N SER B 22 15.66 40.83 12.67
CA SER B 22 16.45 41.75 11.85
C SER B 22 17.31 41.01 10.82
N CYS B 23 17.67 41.71 9.76
CA CYS B 23 18.51 41.13 8.69
C CYS B 23 19.47 42.22 8.24
N ARG B 24 20.74 41.87 8.35
CA ARG B 24 21.85 42.76 7.97
C ARG B 24 22.44 42.28 6.65
N ALA B 25 22.77 43.20 5.77
CA ALA B 25 23.42 42.85 4.51
C ALA B 25 24.87 43.33 4.47
N SER B 26 25.74 42.55 3.84
CA SER B 26 27.17 42.91 3.66
C SER B 26 27.28 44.15 2.79
N GLN B 27 26.31 44.34 1.89
CA GLN B 27 26.31 45.46 0.94
C GLN B 27 24.89 45.98 0.77
N SER B 28 24.75 47.19 0.25
CA SER B 28 23.41 47.80 -0.02
C SER B 28 22.58 46.94 -0.98
N VAL B 29 21.30 46.82 -0.68
CA VAL B 29 20.36 46.07 -1.56
C VAL B 29 19.42 47.07 -2.22
N THR B 30 19.85 48.32 -2.29
CA THR B 30 19.03 49.42 -2.88
C THR B 30 19.46 49.73 -4.33
N ILE B 31 18.54 49.70 -5.27
CA ILE B 31 18.79 50.09 -6.68
C ILE B 31 17.54 50.79 -7.19
N PHE B 32 17.73 51.88 -7.92
CA PHE B 32 16.60 52.66 -8.48
C PHE B 32 15.62 53.06 -7.38
N SER B 33 16.13 53.41 -6.20
CA SER B 33 15.28 53.81 -5.05
C SER B 33 14.44 52.65 -4.51
N ILE B 34 14.76 51.42 -4.89
CA ILE B 34 14.00 50.22 -4.46
C ILE B 34 14.92 49.36 -3.59
N ASN B 35 14.42 48.91 -2.44
CA ASN B 35 15.18 48.00 -1.55
C ASN B 35 14.74 46.57 -1.89
N LEU B 36 15.60 45.83 -2.54
CA LEU B 36 15.27 44.46 -3.00
C LEU B 36 15.50 43.44 -1.88
N MET B 37 14.68 43.56 -0.85
CA MET B 37 14.71 42.61 0.29
C MET B 37 13.36 41.92 0.40
N GLN B 38 13.40 40.60 0.46
CA GLN B 38 12.18 39.81 0.63
C GLN B 38 12.21 39.07 1.98
N TRP B 39 11.04 38.78 2.54
CA TRP B 39 10.93 37.95 3.76
C TRP B 39 10.09 36.71 3.44
N PHE B 40 10.53 35.56 3.93
CA PHE B 40 9.83 34.27 3.71
C PHE B 40 9.57 33.55 5.05
N GLN B 41 8.53 32.74 5.09
CA GLN B 41 8.17 31.94 6.27
C GLN B 41 8.15 30.48 5.87
N GLN B 42 8.87 29.64 6.59
CA GLN B 42 8.85 28.19 6.34
C GLN B 42 8.29 27.51 7.59
N LYS B 43 7.02 27.19 7.51
CA LYS B 43 6.35 26.48 8.61
C LYS B 43 6.84 25.04 8.61
N PRO B 44 6.69 24.30 9.74
CA PRO B 44 7.14 22.93 9.78
C PRO B 44 6.65 22.03 8.63
N GLY B 45 7.59 21.41 7.94
CA GLY B 45 7.26 20.45 6.86
C GLY B 45 6.66 21.06 5.62
N GLN B 46 6.78 22.36 5.46
CA GLN B 46 6.14 23.05 4.32
C GLN B 46 7.18 23.77 3.47
N PRO B 47 6.89 24.07 2.17
CA PRO B 47 7.79 24.88 1.41
C PRO B 47 7.79 26.32 1.92
N PRO B 48 8.86 27.12 1.63
CA PRO B 48 8.85 28.52 1.99
C PRO B 48 7.70 29.31 1.35
N LYS B 49 7.21 30.32 2.05
CA LYS B 49 6.12 31.17 1.54
C LYS B 49 6.56 32.63 1.59
N LEU B 50 6.41 33.34 0.48
CA LEU B 50 6.74 34.78 0.45
C LEU B 50 5.80 35.58 1.34
N LEU B 51 6.36 36.34 2.26
CA LEU B 51 5.55 37.20 3.12
C LEU B 51 5.64 38.63 2.62
N ILE B 52 6.86 39.12 2.37
CA ILE B 52 7.07 40.54 2.03
C ILE B 52 8.09 40.66 0.91
N TYR B 53 7.88 41.62 0.02
CA TYR B 53 8.83 41.90 -1.07
C TYR B 53 9.14 43.40 -1.14
N ARG B 54 10.28 43.73 -1.69
CA ARG B 54 10.74 45.12 -1.80
C ARG B 54 10.70 45.78 -0.40
N ALA B 55 11.17 45.04 0.61
CA ALA B 55 11.29 45.51 2.01
C ALA B 55 9.96 45.68 2.74
N SER B 56 8.91 46.19 2.11
CA SER B 56 7.70 46.60 2.86
C SER B 56 6.38 46.22 2.22
N ASN B 57 6.40 45.60 1.06
CA ASN B 57 5.15 45.25 0.33
C ASN B 57 4.68 43.84 0.75
N LEU B 58 3.50 43.76 1.32
CA LEU B 58 2.95 42.46 1.77
C LEU B 58 2.46 41.66 0.57
N ALA B 59 2.74 40.37 0.57
CA ALA B 59 2.22 39.52 -0.51
C ALA B 59 0.74 39.25 -0.30
N SER B 60 0.08 38.77 -1.35
CA SER B 60 -1.36 38.45 -1.32
C SER B 60 -1.62 37.43 -0.25
N GLY B 61 -2.62 37.66 0.57
CA GLY B 61 -3.00 36.63 1.55
C GLY B 61 -2.03 36.53 2.68
N VAL B 62 -1.29 37.60 2.95
CA VAL B 62 -0.43 37.63 4.15
C VAL B 62 -1.14 38.53 5.15
N PRO B 63 -1.38 38.10 6.41
CA PRO B 63 -1.99 38.98 7.39
C PRO B 63 -1.27 40.31 7.64
N ASP B 64 -1.99 41.34 8.01
CA ASP B 64 -1.45 42.70 8.23
C ASP B 64 -0.58 42.76 9.49
N ARG B 65 -0.58 41.70 10.30
CA ARG B 65 0.25 41.63 11.53
C ARG B 65 1.74 41.50 11.15
N PHE B 66 2.02 41.15 9.90
CA PHE B 66 3.40 41.05 9.37
C PHE B 66 3.77 42.37 8.69
N SER B 67 4.89 42.95 9.07
CA SER B 67 5.32 44.25 8.52
C SER B 67 6.82 44.26 8.28
N GLY B 68 7.25 44.87 7.19
CA GLY B 68 8.67 45.00 6.87
C GLY B 68 9.14 46.43 6.86
N SER B 69 10.35 46.66 7.34
CA SER B 69 10.94 48.01 7.40
C SER B 69 12.41 48.00 7.03
N GLY B 70 12.98 49.17 6.87
CA GLY B 70 14.41 49.25 6.63
C GLY B 70 14.83 49.70 5.26
N SER B 71 16.12 49.90 5.10
CA SER B 71 16.68 50.38 3.82
C SER B 71 18.17 50.05 3.78
N GLY B 72 18.75 49.97 2.60
CA GLY B 72 20.19 49.76 2.47
C GLY B 72 20.69 48.46 3.02
N THR B 73 21.25 48.48 4.22
CA THR B 73 21.90 47.27 4.78
C THR B 73 21.15 46.74 6.01
N ASP B 74 20.12 47.43 6.47
CA ASP B 74 19.47 47.06 7.74
C ASP B 74 17.96 46.95 7.53
N PHE B 75 17.44 45.75 7.76
CA PHE B 75 16.01 45.48 7.54
C PHE B 75 15.41 44.73 8.73
N THR B 76 14.12 44.89 8.93
CA THR B 76 13.43 44.28 10.09
C THR B 76 12.07 43.72 9.70
N LEU B 77 11.77 42.51 10.15
CA LEU B 77 10.42 41.93 10.02
C LEU B 77 9.78 42.03 11.40
N THR B 78 8.61 42.60 11.47
CA THR B 78 7.88 42.68 12.74
C THR B 78 6.57 41.91 12.65
N ILE B 79 6.33 40.98 13.56
CA ILE B 79 5.01 40.32 13.70
C ILE B 79 4.40 41.03 14.91
N SER B 80 3.42 41.89 14.68
CA SER B 80 2.85 42.77 15.73
C SER B 80 2.22 41.96 16.88
N ARG B 81 1.41 40.98 16.55
CA ARG B 81 0.69 40.18 17.55
C ARG B 81 0.84 38.73 17.11
N VAL B 82 1.79 38.03 17.71
CA VAL B 82 2.08 36.63 17.31
C VAL B 82 0.89 35.71 17.54
N GLU B 83 0.68 34.78 16.62
CA GLU B 83 -0.34 33.76 16.75
C GLU B 83 0.37 32.40 16.86
N ALA B 84 -0.29 31.37 17.37
CA ALA B 84 0.30 30.02 17.44
C ALA B 84 0.69 29.49 16.06
N GLU B 85 -0.02 29.89 15.00
CA GLU B 85 0.27 29.39 13.63
C GLU B 85 1.58 29.98 13.08
N ASP B 86 2.18 30.94 13.78
CA ASP B 86 3.40 31.64 13.29
C ASP B 86 4.68 30.84 13.60
N VAL B 87 4.58 29.68 14.26
CA VAL B 87 5.78 28.82 14.48
C VAL B 87 6.40 28.48 13.12
N ALA B 88 7.62 28.91 12.94
CA ALA B 88 8.30 28.75 11.64
C ALA B 88 9.74 29.25 11.70
N VAL B 89 10.46 29.00 10.62
CA VAL B 89 11.79 29.63 10.45
C VAL B 89 11.55 30.76 9.45
N TYR B 90 12.04 31.93 9.76
CA TYR B 90 11.86 33.12 8.90
C TYR B 90 13.19 33.46 8.23
N TYR B 91 13.15 33.72 6.94
CA TYR B 91 14.37 33.96 6.14
C TYR B 91 14.30 35.26 5.36
N CYS B 92 15.38 36.03 5.40
CA CYS B 92 15.60 37.25 4.61
C CYS B 92 16.17 36.84 3.24
N GLN B 93 15.90 37.59 2.17
CA GLN B 93 16.50 37.32 0.84
C GLN B 93 16.80 38.63 0.11
N GLN B 94 17.97 38.70 -0.53
CA GLN B 94 18.35 39.87 -1.36
C GLN B 94 18.30 39.49 -2.83
N THR B 95 17.73 40.34 -3.66
CA THR B 95 17.68 40.12 -5.12
C THR B 95 18.39 41.29 -5.83
N ARG B 96 19.19 42.05 -5.09
CA ARG B 96 19.90 43.22 -5.67
C ARG B 96 21.03 42.76 -6.57
N GLU B 97 21.66 41.66 -6.20
CA GLU B 97 22.79 41.12 -6.98
C GLU B 97 22.53 39.66 -7.32
N SER B 98 23.13 39.18 -8.39
CA SER B 98 23.07 37.74 -8.72
C SER B 98 24.35 37.08 -8.20
N PRO B 99 24.27 35.93 -7.50
CA PRO B 99 23.01 35.30 -7.26
C PRO B 99 22.21 35.88 -6.10
N PRO B 100 20.85 35.80 -6.12
CA PRO B 100 20.07 36.09 -4.96
C PRO B 100 20.57 35.22 -3.81
N THR B 101 20.60 35.80 -2.63
CA THR B 101 21.11 35.08 -1.45
C THR B 101 20.09 35.16 -0.32
N PHE B 102 20.18 34.19 0.59
CA PHE B 102 19.27 34.15 1.74
C PHE B 102 20.01 34.23 3.06
N GLY B 103 19.32 34.69 4.09
CA GLY B 103 19.89 34.64 5.43
C GLY B 103 19.86 33.23 5.97
N GLN B 104 20.46 33.00 7.13
CA GLN B 104 20.53 31.61 7.62
C GLN B 104 19.26 31.23 8.41
N GLY B 105 18.33 32.15 8.55
CA GLY B 105 17.06 31.87 9.21
C GLY B 105 16.98 32.20 10.69
N THR B 106 15.79 32.53 11.15
CA THR B 106 15.51 32.82 12.58
C THR B 106 14.33 31.92 12.98
N LYS B 107 14.52 31.11 14.02
CA LYS B 107 13.49 30.17 14.49
C LYS B 107 12.58 30.85 15.49
N LEU B 108 11.30 30.95 15.17
CA LEU B 108 10.32 31.50 16.11
C LEU B 108 9.62 30.37 16.85
N GLU B 109 9.76 30.37 18.16
CA GLU B 109 9.03 29.42 19.01
C GLU B 109 7.91 30.19 19.73
N ILE B 110 6.83 29.49 20.05
CA ILE B 110 5.68 30.12 20.72
C ILE B 110 5.70 29.70 22.19
N LYS B 111 5.78 30.68 23.08
CA LYS B 111 5.84 30.42 24.53
C LYS B 111 4.44 30.11 25.04
N ARG B 112 4.32 29.00 25.72
CA ARG B 112 3.01 28.66 26.32
C ARG B 112 3.18 28.13 27.73
N THR B 113 2.06 27.82 28.37
CA THR B 113 2.08 27.27 29.73
C THR B 113 2.59 25.83 29.73
N VAL B 114 3.12 25.42 30.86
CA VAL B 114 3.64 24.05 31.01
C VAL B 114 2.50 23.04 30.83
N ALA B 115 2.73 22.02 30.01
CA ALA B 115 1.73 20.97 29.77
C ALA B 115 2.43 19.62 29.90
N ALA B 116 1.95 18.82 30.82
CA ALA B 116 2.57 17.50 31.05
C ALA B 116 2.17 16.56 29.94
N PRO B 117 3.04 15.59 29.58
CA PRO B 117 2.66 14.67 28.56
C PRO B 117 1.65 13.59 28.94
N SER B 118 0.81 13.22 27.99
CA SER B 118 -0.07 12.03 28.05
C SER B 118 0.84 10.90 27.57
N VAL B 119 1.00 9.82 28.30
CA VAL B 119 1.97 8.75 27.91
C VAL B 119 1.24 7.48 27.48
N PHE B 120 1.68 6.90 26.38
CA PHE B 120 1.04 5.70 25.81
C PHE B 120 2.12 4.71 25.39
N ILE B 121 1.85 3.42 25.53
CA ILE B 121 2.84 2.37 25.16
C ILE B 121 2.22 1.35 24.18
N PHE B 122 3.04 0.92 23.24
CA PHE B 122 2.57 0.04 22.17
C PHE B 122 3.51 -1.16 22.06
N PRO B 123 3.02 -2.38 22.37
CA PRO B 123 3.81 -3.54 22.12
C PRO B 123 4.09 -3.78 20.64
N PRO B 124 5.15 -4.54 20.30
CA PRO B 124 5.36 -4.90 18.92
C PRO B 124 4.25 -5.79 18.34
N SER B 125 4.00 -5.64 17.06
CA SER B 125 3.01 -6.49 16.38
C SER B 125 3.56 -7.91 16.20
N ASP B 126 2.68 -8.88 16.21
CA ASP B 126 3.10 -10.27 15.95
C ASP B 126 3.65 -10.37 14.53
N GLU B 127 3.12 -9.58 13.61
CA GLU B 127 3.59 -9.60 12.21
C GLU B 127 5.07 -9.23 12.16
N GLN B 128 5.44 -8.16 12.85
CA GLN B 128 6.86 -7.72 12.90
C GLN B 128 7.75 -8.76 13.57
N LEU B 129 7.31 -9.32 14.68
CA LEU B 129 8.12 -10.33 15.42
C LEU B 129 8.49 -11.49 14.47
N LYS B 130 7.60 -11.89 13.57
CA LYS B 130 7.85 -12.99 12.61
C LYS B 130 9.07 -12.64 11.76
N SER B 131 9.33 -11.37 11.57
CA SER B 131 10.48 -10.92 10.75
C SER B 131 11.78 -10.93 11.56
N GLY B 132 11.71 -11.18 12.85
CA GLY B 132 12.93 -11.23 13.68
C GLY B 132 13.30 -9.94 14.37
N THR B 133 12.46 -8.91 14.30
CA THR B 133 12.74 -7.61 14.95
C THR B 133 11.53 -7.17 15.76
N ALA B 134 11.76 -6.68 16.97
CA ALA B 134 10.69 -6.12 17.80
C ALA B 134 10.89 -4.64 18.02
N SER B 135 9.91 -3.84 17.65
CA SER B 135 9.95 -2.40 17.90
C SER B 135 8.87 -2.08 18.94
N VAL B 136 9.29 -1.58 20.10
CA VAL B 136 8.36 -1.18 21.18
C VAL B 136 8.31 0.34 21.16
N VAL B 137 7.11 0.91 21.13
CA VAL B 137 6.99 2.37 20.98
C VAL B 137 6.35 3.02 22.21
N CYS B 138 6.96 4.10 22.68
CA CYS B 138 6.28 4.88 23.73
C CYS B 138 6.06 6.30 23.21
N LEU B 139 4.84 6.75 23.44
CA LEU B 139 4.38 8.06 22.92
C LEU B 139 4.18 9.07 24.06
N LEU B 140 4.83 10.22 23.94
CA LEU B 140 4.62 11.34 24.88
C LEU B 140 3.85 12.37 24.06
N ASN B 141 2.62 12.66 24.44
CA ASN B 141 1.76 13.53 23.59
C ASN B 141 1.40 14.89 24.19
N ASN B 142 1.46 15.91 23.36
CA ASN B 142 0.94 17.26 23.71
C ASN B 142 1.57 17.83 24.99
N PHE B 143 2.87 18.07 24.93
CA PHE B 143 3.60 18.59 26.11
C PHE B 143 4.41 19.86 25.84
N TYR B 144 4.73 20.57 26.90
CA TYR B 144 5.53 21.81 26.83
C TYR B 144 6.11 22.02 28.23
N PRO B 145 7.42 22.34 28.36
CA PRO B 145 8.30 22.55 27.21
C PRO B 145 8.88 21.29 26.52
N ARG B 146 9.73 21.48 25.52
CA ARG B 146 10.29 20.36 24.71
C ARG B 146 11.10 19.37 25.55
N GLU B 147 11.75 19.82 26.60
CA GLU B 147 12.65 18.94 27.40
C GLU B 147 11.88 17.82 28.10
N ALA B 148 12.30 16.58 27.87
CA ALA B 148 11.66 15.40 28.47
C ALA B 148 12.65 14.24 28.53
N LYS B 149 12.52 13.41 29.54
CA LYS B 149 13.42 12.25 29.63
C LYS B 149 12.58 10.97 29.60
N VAL B 150 12.97 10.11 28.69
CA VAL B 150 12.26 8.82 28.49
C VAL B 150 13.25 7.70 28.75
N GLN B 151 12.96 6.86 29.73
CA GLN B 151 13.84 5.71 30.05
C GLN B 151 13.08 4.41 29.85
N TRP B 152 13.72 3.46 29.20
CA TRP B 152 13.12 2.12 29.00
C TRP B 152 13.61 1.16 30.06
N LYS B 153 12.71 0.38 30.62
CA LYS B 153 13.09 -0.66 31.61
C LYS B 153 12.53 -2.00 31.13
N VAL B 154 13.39 -2.99 30.95
CA VAL B 154 12.98 -4.36 30.55
C VAL B 154 13.29 -5.31 31.70
N ASP B 155 12.24 -5.86 32.34
CA ASP B 155 12.39 -6.71 33.55
C ASP B 155 13.12 -5.92 34.64
N ASN B 156 12.85 -4.61 34.71
CA ASN B 156 13.42 -3.69 35.74
C ASN B 156 14.90 -3.37 35.45
N ALA B 157 15.42 -3.73 34.28
CA ALA B 157 16.78 -3.35 33.92
C ALA B 157 16.75 -2.19 32.95
N LEU B 158 17.36 -1.09 33.36
CA LEU B 158 17.35 0.13 32.52
C LEU B 158 18.12 -0.16 31.24
N GLN B 159 17.64 0.39 30.14
CA GLN B 159 18.22 0.10 28.83
C GLN B 159 19.04 1.27 28.31
N SER B 160 20.07 0.98 27.53
CA SER B 160 20.94 1.99 26.91
C SER B 160 21.36 1.57 25.52
N GLY B 161 21.40 2.47 24.55
CA GLY B 161 21.95 2.17 23.22
C GLY B 161 20.97 1.56 22.23
N ASN B 162 19.81 1.11 22.69
CA ASN B 162 18.86 0.39 21.81
C ASN B 162 17.56 1.19 21.62
N SER B 163 17.58 2.49 21.86
CA SER B 163 16.40 3.38 21.73
C SER B 163 16.70 4.61 20.88
N GLN B 164 15.71 5.06 20.13
CA GLN B 164 15.84 6.30 19.33
C GLN B 164 14.60 7.16 19.56
N GLU B 165 14.81 8.45 19.72
CA GLU B 165 13.71 9.40 19.97
C GLU B 165 13.47 10.31 18.76
N SER B 166 12.22 10.63 18.52
CA SER B 166 11.83 11.58 17.44
C SER B 166 10.87 12.61 18.04
N VAL B 167 11.03 13.88 17.72
CA VAL B 167 10.15 14.93 18.29
C VAL B 167 9.53 15.76 17.18
N THR B 168 8.25 16.02 17.32
CA THR B 168 7.56 16.90 16.37
C THR B 168 7.89 18.37 16.62
N GLU B 169 7.70 19.19 15.62
CA GLU B 169 7.81 20.65 15.84
C GLU B 169 6.54 21.09 16.57
N GLN B 170 6.56 22.29 17.11
CA GLN B 170 5.42 22.81 17.88
C GLN B 170 4.16 22.78 17.04
N ASP B 171 3.07 22.35 17.66
CA ASP B 171 1.78 22.29 16.96
C ASP B 171 1.31 23.71 16.61
N SER B 172 0.75 23.87 15.43
CA SER B 172 0.26 25.18 14.95
C SER B 172 -0.92 25.68 15.78
N LYS B 173 -1.61 24.81 16.48
CA LYS B 173 -2.82 25.26 17.20
C LYS B 173 -2.56 25.35 18.71
N ASP B 174 -2.00 24.32 19.33
CA ASP B 174 -1.84 24.30 20.81
C ASP B 174 -0.40 24.58 21.26
N SER B 175 0.56 24.67 20.35
CA SER B 175 1.96 25.06 20.67
C SER B 175 2.67 24.01 21.53
N THR B 176 2.21 22.77 21.41
CA THR B 176 2.81 21.66 22.16
C THR B 176 3.73 20.83 21.27
N TYR B 177 4.47 19.94 21.91
CA TYR B 177 5.34 18.99 21.20
C TYR B 177 4.85 17.57 21.51
N SER B 178 5.19 16.64 20.65
CA SER B 178 4.95 15.21 20.96
C SER B 178 6.24 14.45 20.59
N LEU B 179 6.49 13.36 21.27
CA LEU B 179 7.76 12.63 21.13
C LEU B 179 7.51 11.13 21.06
N SER B 180 8.27 10.45 20.22
CA SER B 180 8.25 8.97 20.13
C SER B 180 9.58 8.42 20.64
N SER B 181 9.56 7.37 21.45
CA SER B 181 10.80 6.65 21.82
C SER B 181 10.57 5.22 21.35
N THR B 182 11.45 4.76 20.49
CA THR B 182 11.30 3.42 19.92
C THR B 182 12.45 2.53 20.42
N LEU B 183 12.11 1.47 21.11
CA LEU B 183 13.10 0.47 21.57
C LEU B 183 13.13 -0.66 20.54
N THR B 184 14.30 -0.94 20.03
CA THR B 184 14.46 -1.97 18.98
C THR B 184 15.28 -3.13 19.50
N LEU B 185 14.68 -4.31 19.51
CA LEU B 185 15.33 -5.54 20.00
C LEU B 185 15.17 -6.67 18.99
N SER B 186 16.08 -7.65 19.05
CA SER B 186 15.89 -8.88 18.27
C SER B 186 14.65 -9.58 18.79
N LYS B 187 14.06 -10.45 17.98
CA LYS B 187 12.89 -11.25 18.42
C LYS B 187 13.27 -12.07 19.65
N ALA B 188 14.44 -12.69 19.61
CA ALA B 188 14.92 -13.53 20.73
C ALA B 188 15.02 -12.73 22.04
N ASP B 189 15.70 -11.58 21.98
CA ASP B 189 15.85 -10.75 23.19
C ASP B 189 14.47 -10.29 23.67
N TYR B 190 13.57 -9.96 22.75
CA TYR B 190 12.22 -9.55 23.17
C TYR B 190 11.53 -10.71 23.89
N GLU B 191 11.66 -11.91 23.34
CA GLU B 191 10.94 -13.08 23.92
C GLU B 191 11.61 -13.55 25.21
N LYS B 192 12.86 -13.17 25.46
CA LYS B 192 13.57 -13.54 26.71
C LYS B 192 13.01 -12.82 27.93
N HIS B 193 12.28 -11.73 27.75
CA HIS B 193 11.84 -10.90 28.91
C HIS B 193 10.33 -10.67 28.95
N LYS B 194 9.81 -10.25 30.09
CA LYS B 194 8.35 -10.12 30.26
C LYS B 194 7.86 -8.69 30.38
N VAL B 195 8.39 -7.90 31.31
CA VAL B 195 7.79 -6.54 31.55
C VAL B 195 8.55 -5.47 30.78
N TYR B 196 7.80 -4.77 29.95
CA TYR B 196 8.36 -3.67 29.14
C TYR B 196 7.75 -2.36 29.67
N ALA B 197 8.60 -1.44 30.09
CA ALA B 197 8.12 -0.19 30.72
C ALA B 197 8.81 1.07 30.17
N CYS B 198 8.05 2.14 30.05
CA CYS B 198 8.47 3.46 29.56
C CYS B 198 8.33 4.42 30.73
N GLU B 199 9.40 4.97 31.28
CA GLU B 199 9.33 5.92 32.40
C GLU B 199 9.61 7.34 31.90
N VAL B 200 8.70 8.26 32.16
CA VAL B 200 8.80 9.64 31.63
C VAL B 200 9.03 10.67 32.73
N THR B 201 9.98 11.56 32.54
CA THR B 201 10.27 12.66 33.48
C THR B 201 10.12 13.99 32.71
N HIS B 202 9.30 14.91 33.23
CA HIS B 202 9.01 16.23 32.60
C HIS B 202 8.66 17.25 33.68
N GLN B 203 8.93 18.52 33.44
CA GLN B 203 8.62 19.65 34.37
C GLN B 203 7.15 19.66 34.77
N GLY B 204 6.26 19.28 33.87
CA GLY B 204 4.82 19.27 34.17
C GLY B 204 4.40 18.12 35.06
N LEU B 205 5.32 17.24 35.40
CA LEU B 205 5.02 16.05 36.21
C LEU B 205 5.71 16.14 37.57
N SER B 206 4.94 16.05 38.65
CA SER B 206 5.51 16.08 40.03
C SER B 206 6.33 14.81 40.28
N SER B 207 5.90 13.69 39.72
CA SER B 207 6.64 12.43 39.84
C SER B 207 6.69 11.74 38.48
N PRO B 208 7.74 10.93 38.16
CA PRO B 208 7.77 10.22 36.89
C PRO B 208 6.54 9.36 36.61
N VAL B 209 6.13 9.32 35.35
CA VAL B 209 4.98 8.48 34.93
C VAL B 209 5.54 7.24 34.24
N THR B 210 5.03 6.06 34.61
CA THR B 210 5.45 4.81 33.97
C THR B 210 4.28 4.15 33.25
N LYS B 211 4.49 3.79 31.99
CA LYS B 211 3.49 3.00 31.24
C LYS B 211 4.16 1.65 30.96
N SER B 212 3.44 0.57 31.19
CA SER B 212 4.05 -0.79 31.11
C SER B 212 3.11 -1.84 30.57
N PHE B 213 3.67 -2.91 30.03
CA PHE B 213 2.87 -4.05 29.58
C PHE B 213 3.65 -5.34 29.86
N ASN B 214 2.93 -6.44 30.02
CA ASN B 214 3.57 -7.76 30.13
C ASN B 214 3.46 -8.45 28.78
N ARG B 215 4.59 -8.89 28.25
CA ARG B 215 4.63 -9.59 26.95
C ARG B 215 3.66 -10.74 26.99
N GLY B 216 2.76 -10.82 26.03
CA GLY B 216 1.79 -11.93 26.12
C GLY B 216 0.37 -11.49 26.41
N GLU B 217 0.17 -10.43 27.20
CA GLU B 217 -1.24 -10.06 27.44
C GLU B 217 -1.57 -8.66 26.90
N CYS B 218 -2.32 -8.51 25.80
CA CYS B 218 -2.84 -7.19 25.30
C CYS B 218 -1.79 -6.06 25.21
N GLN C 5 -15.49 -11.31 9.57
CA GLN C 5 -16.71 -10.99 8.80
C GLN C 5 -16.55 -11.52 7.39
N GLU C 6 -17.61 -11.40 6.60
CA GLU C 6 -17.61 -11.96 5.23
C GLU C 6 -16.66 -11.19 4.33
N SER C 7 -16.03 -11.89 3.39
CA SER C 7 -14.84 -11.58 2.56
C SER C 7 -13.96 -10.63 3.36
N GLY C 8 -13.86 -11.08 4.62
CA GLY C 8 -12.81 -10.61 5.54
C GLY C 8 -12.00 -11.81 5.96
N PRO C 9 -11.15 -12.41 5.07
CA PRO C 9 -10.39 -13.64 5.40
C PRO C 9 -9.41 -13.48 6.57
N GLY C 10 -9.11 -14.58 7.26
CA GLY C 10 -8.26 -14.49 8.44
C GLY C 10 -7.67 -15.77 8.99
N LEU C 11 -6.84 -15.62 10.01
CA LEU C 11 -6.16 -16.73 10.70
C LEU C 11 -6.87 -17.03 12.01
N VAL C 12 -7.03 -18.31 12.33
CA VAL C 12 -7.58 -18.74 13.64
C VAL C 12 -6.59 -19.79 14.16
N LYS C 13 -6.17 -19.67 15.41
CA LYS C 13 -5.13 -20.59 15.93
C LYS C 13 -5.77 -21.95 16.28
N PRO C 14 -5.03 -23.07 16.15
CA PRO C 14 -5.54 -24.38 16.56
C PRO C 14 -6.18 -24.29 17.95
N SER C 15 -7.14 -25.16 18.25
CA SER C 15 -7.91 -24.91 19.51
C SER C 15 -8.81 -23.76 19.08
N GLU C 16 -9.18 -22.87 19.98
CA GLU C 16 -9.81 -21.57 19.58
C GLU C 16 -11.16 -21.68 18.85
N THR C 17 -11.89 -20.57 18.82
CA THR C 17 -13.25 -20.57 18.24
C THR C 17 -13.31 -19.69 17.00
N LEU C 18 -13.58 -20.24 15.83
CA LEU C 18 -13.81 -19.41 14.63
C LEU C 18 -15.13 -18.67 14.78
N SER C 19 -15.14 -17.37 14.54
CA SER C 19 -16.37 -16.56 14.60
C SER C 19 -16.52 -15.83 13.27
N LEU C 20 -17.61 -16.08 12.56
CA LEU C 20 -17.82 -15.42 11.26
C LEU C 20 -19.18 -14.74 11.28
N THR C 21 -19.28 -13.59 10.63
CA THR C 21 -20.56 -12.87 10.62
C THR C 21 -20.91 -12.44 9.20
N CYS C 22 -22.21 -12.44 8.90
CA CYS C 22 -22.73 -12.22 7.54
C CYS C 22 -23.92 -11.27 7.61
N THR C 23 -23.91 -10.21 6.82
CA THR C 23 -25.07 -9.29 6.78
C THR C 23 -26.19 -9.87 5.92
N VAL C 24 -27.40 -9.88 6.44
CA VAL C 24 -28.60 -10.39 5.72
C VAL C 24 -29.70 -9.33 5.74
N TYR C 33 -33.83 -17.88 4.68
CA TYR C 33 -32.97 -18.69 5.57
C TYR C 33 -31.53 -18.49 5.15
N VAL C 34 -30.63 -18.71 6.09
CA VAL C 34 -29.19 -18.63 5.80
C VAL C 34 -28.59 -20.02 6.02
N GLN C 35 -27.87 -20.51 5.02
CA GLN C 35 -27.13 -21.77 5.16
C GLN C 35 -25.66 -21.43 5.27
N TRP C 36 -24.91 -22.18 6.06
CA TRP C 36 -23.44 -22.00 6.11
C TRP C 36 -22.84 -23.23 5.43
N ILE C 37 -22.09 -23.02 4.36
CA ILE C 37 -21.49 -24.13 3.60
C ILE C 37 -19.99 -23.84 3.43
N ARG C 38 -19.15 -24.86 3.49
CA ARG C 38 -17.69 -24.67 3.37
C ARG C 38 -17.05 -25.48 2.25
N GLN C 39 -15.89 -25.03 1.78
CA GLN C 39 -15.14 -25.70 0.71
C GLN C 39 -13.66 -25.75 1.13
N PRO C 40 -13.18 -26.90 1.68
CA PRO C 40 -11.76 -27.05 1.97
C PRO C 40 -10.93 -26.90 0.70
N PRO C 41 -9.63 -26.50 0.81
CA PRO C 41 -8.81 -26.23 -0.38
C PRO C 41 -8.66 -27.42 -1.33
N GLY C 42 -8.96 -27.18 -2.61
CA GLY C 42 -8.90 -28.22 -3.64
C GLY C 42 -9.94 -29.31 -3.44
N LYS C 43 -10.99 -29.00 -2.68
CA LYS C 43 -11.98 -30.03 -2.34
C LYS C 43 -13.41 -29.57 -2.70
N GLY C 44 -14.38 -30.41 -2.39
CA GLY C 44 -15.77 -30.07 -2.71
C GLY C 44 -16.48 -29.27 -1.66
N LEU C 45 -17.80 -29.35 -1.63
CA LEU C 45 -18.59 -28.52 -0.71
C LEU C 45 -19.19 -29.36 0.42
N GLU C 46 -19.22 -28.81 1.63
CA GLU C 46 -19.79 -29.48 2.82
C GLU C 46 -20.80 -28.58 3.50
N TRP C 47 -22.05 -28.99 3.58
CA TRP C 47 -23.11 -28.22 4.27
C TRP C 47 -22.95 -28.35 5.78
N MET C 48 -23.05 -27.24 6.48
CA MET C 48 -22.78 -27.25 7.93
C MET C 48 -24.07 -27.08 8.71
N GLY C 49 -24.88 -26.11 8.34
CA GLY C 49 -26.13 -25.84 9.05
C GLY C 49 -26.92 -24.67 8.49
N PHE C 50 -28.11 -24.46 9.05
CA PHE C 50 -28.93 -23.30 8.64
C PHE C 50 -29.62 -22.61 9.81
N ILE C 51 -29.98 -21.36 9.60
CA ILE C 51 -30.80 -20.64 10.59
C ILE C 51 -31.96 -20.09 9.76
N ARG C 52 -33.15 -20.12 10.34
CA ARG C 52 -34.34 -19.71 9.57
C ARG C 52 -34.81 -18.35 10.07
N SER C 53 -35.81 -17.78 9.41
CA SER C 53 -36.58 -16.56 9.73
C SER C 53 -36.91 -16.54 11.22
N GLY C 54 -37.34 -17.72 11.69
CA GLY C 54 -37.83 -17.79 13.07
C GLY C 54 -36.75 -18.02 14.12
N GLY C 55 -35.49 -18.19 13.72
CA GLY C 55 -34.42 -18.49 14.68
C GLY C 55 -34.17 -19.97 14.84
N ASN C 56 -34.93 -20.81 14.14
CA ASN C 56 -34.69 -22.26 14.27
C ASN C 56 -33.41 -22.67 13.54
N THR C 57 -32.75 -23.68 14.08
CA THR C 57 -31.42 -24.09 13.58
C THR C 57 -31.36 -25.58 13.28
N ASP C 58 -30.60 -25.96 12.26
CA ASP C 58 -30.35 -27.39 12.00
C ASP C 58 -28.86 -27.53 11.73
N TYR C 59 -28.27 -28.60 12.20
CA TYR C 59 -26.80 -28.72 12.07
C TYR C 59 -26.40 -30.10 11.56
N ASN C 60 -25.41 -30.13 10.70
CA ASN C 60 -24.81 -31.42 10.29
C ASN C 60 -24.27 -32.02 11.59
N SER C 61 -24.58 -33.28 11.86
CA SER C 61 -24.14 -33.95 13.11
C SER C 61 -22.62 -34.02 13.21
N GLU C 62 -21.93 -33.90 12.09
CA GLU C 62 -20.45 -33.84 12.13
C GLU C 62 -20.00 -32.64 12.98
N PHE C 63 -20.80 -31.58 13.05
CA PHE C 63 -20.33 -30.34 13.73
C PHE C 63 -21.21 -30.01 14.93
N LYS C 64 -22.17 -30.86 15.28
CA LYS C 64 -23.08 -30.52 16.39
C LYS C 64 -22.30 -30.32 17.69
N SER C 65 -21.17 -30.99 17.85
CA SER C 65 -20.26 -30.79 19.00
C SER C 65 -19.80 -29.34 19.09
N ARG C 66 -19.34 -28.80 17.96
CA ARG C 66 -18.60 -27.51 17.99
C ARG C 66 -19.25 -26.36 17.23
N LEU C 67 -20.47 -26.50 16.74
CA LEU C 67 -21.05 -25.44 15.87
C LEU C 67 -22.32 -24.80 16.41
N THR C 68 -22.35 -23.48 16.38
CA THR C 68 -23.54 -22.72 16.78
C THR C 68 -23.79 -21.66 15.73
N ILE C 69 -25.02 -21.57 15.24
CA ILE C 69 -25.43 -20.50 14.28
C ILE C 69 -26.44 -19.64 15.02
N SER C 70 -26.20 -18.34 15.03
CA SER C 70 -27.08 -17.41 15.77
C SER C 70 -27.46 -16.23 14.88
N ARG C 71 -28.50 -15.52 15.24
CA ARG C 71 -28.91 -14.33 14.47
C ARG C 71 -28.99 -13.11 15.37
N ASP C 72 -28.56 -11.98 14.87
CA ASP C 72 -28.71 -10.69 15.59
C ASP C 72 -29.66 -9.85 14.76
N THR C 73 -30.93 -9.85 15.13
CA THR C 73 -32.02 -9.04 14.53
C THR C 73 -31.59 -7.57 14.46
N SER C 74 -30.83 -7.15 15.45
CA SER C 74 -30.42 -5.73 15.61
C SER C 74 -29.63 -5.25 14.43
N LYS C 75 -28.60 -6.00 14.08
CA LYS C 75 -27.70 -5.49 13.02
C LYS C 75 -27.86 -6.30 11.74
N ASN C 76 -29.02 -6.90 11.56
CA ASN C 76 -29.17 -7.49 10.20
C ASN C 76 -28.16 -8.62 10.06
N GLN C 77 -27.78 -9.37 11.07
CA GLN C 77 -26.57 -10.21 10.90
C GLN C 77 -26.82 -11.66 11.33
N VAL C 78 -26.06 -12.57 10.75
CA VAL C 78 -26.13 -14.00 11.14
C VAL C 78 -24.68 -14.40 11.40
N SER C 79 -24.45 -15.22 12.41
CA SER C 79 -23.07 -15.58 12.80
C SER C 79 -22.88 -17.09 12.91
N LEU C 80 -21.68 -17.56 12.64
CA LEU C 80 -21.33 -19.00 12.79
C LEU C 80 -20.20 -19.06 13.81
N LYS C 81 -20.31 -19.97 14.75
CA LYS C 81 -19.18 -20.15 15.68
C LYS C 81 -18.81 -21.63 15.70
N LEU C 82 -17.56 -21.90 15.34
CA LEU C 82 -17.00 -23.27 15.29
C LEU C 82 -15.86 -23.41 16.29
N SER C 83 -16.01 -24.25 17.30
CA SER C 83 -15.01 -24.35 18.38
C SER C 83 -13.99 -25.46 18.14
N SER C 84 -12.92 -25.44 18.92
CA SER C 84 -11.84 -26.44 18.85
C SER C 84 -11.45 -26.72 17.41
N VAL C 85 -11.09 -25.65 16.73
CA VAL C 85 -10.71 -25.77 15.29
C VAL C 85 -9.38 -26.50 15.09
N THR C 86 -9.28 -27.19 13.96
CA THR C 86 -8.05 -27.85 13.56
C THR C 86 -7.76 -27.42 12.12
N ALA C 87 -6.69 -27.93 11.54
CA ALA C 87 -6.33 -27.61 10.14
C ALA C 87 -7.38 -28.15 9.18
N ALA C 88 -8.23 -29.05 9.63
CA ALA C 88 -9.30 -29.60 8.78
C ALA C 88 -10.45 -28.61 8.67
N ASP C 89 -10.40 -27.54 9.44
CA ASP C 89 -11.45 -26.51 9.36
C ASP C 89 -10.97 -25.40 8.43
N THR C 90 -9.77 -25.54 7.89
CA THR C 90 -9.24 -24.56 6.90
C THR C 90 -10.12 -24.67 5.65
N ALA C 91 -10.84 -23.60 5.33
CA ALA C 91 -11.79 -23.66 4.22
C ALA C 91 -12.36 -22.29 3.84
N VAL C 92 -12.93 -22.22 2.65
CA VAL C 92 -13.70 -21.01 2.27
C VAL C 92 -15.09 -21.23 2.85
N TYR C 93 -15.54 -20.32 3.69
CA TYR C 93 -16.86 -20.41 4.33
C TYR C 93 -17.83 -19.46 3.63
N TYR C 94 -18.97 -19.99 3.27
CA TYR C 94 -19.96 -19.18 2.54
C TYR C 94 -21.23 -18.98 3.37
N CYS C 95 -21.71 -17.75 3.41
CA CYS C 95 -23.01 -17.43 4.03
C CYS C 95 -24.04 -17.43 2.90
N VAL C 96 -24.86 -18.45 2.80
CA VAL C 96 -25.81 -18.61 1.67
C VAL C 96 -27.18 -18.08 2.06
N ARG C 97 -27.57 -16.98 1.43
CA ARG C 97 -28.87 -16.36 1.72
C ARG C 97 -29.87 -16.87 0.71
N GLY C 98 -30.89 -17.57 1.20
CA GLY C 98 -31.87 -18.16 0.29
C GLY C 98 -33.28 -17.73 0.57
N GLY C 99 -34.16 -17.95 -0.40
CA GLY C 99 -35.57 -17.61 -0.21
C GLY C 99 -36.36 -17.62 -1.51
N GLU C 100 -37.53 -16.98 -1.50
CA GLU C 100 -38.57 -16.92 -2.56
C GLU C 100 -38.68 -15.50 -3.08
N ASP C 104 -40.08 -17.50 -7.08
CA ASP C 104 -38.90 -18.14 -7.72
C ASP C 104 -37.78 -18.31 -6.67
N TYR C 105 -37.33 -19.54 -6.48
CA TYR C 105 -36.31 -19.78 -5.44
C TYR C 105 -34.96 -19.18 -5.83
N PHE C 106 -34.28 -18.60 -4.85
CA PHE C 106 -32.95 -18.03 -5.13
C PHE C 106 -31.95 -18.37 -4.03
N GLU C 107 -30.66 -18.33 -4.36
CA GLU C 107 -29.61 -18.51 -3.35
C GLU C 107 -28.52 -17.50 -3.68
N TYR C 108 -28.21 -16.62 -2.74
CA TYR C 108 -27.10 -15.66 -2.92
C TYR C 108 -25.92 -16.16 -2.07
N TRP C 109 -25.02 -16.82 -2.75
CA TRP C 109 -23.79 -17.25 -2.07
C TRP C 109 -22.99 -15.97 -1.96
N GLY C 110 -22.20 -15.80 -0.95
CA GLY C 110 -21.54 -14.49 -0.93
C GLY C 110 -20.22 -14.51 -1.63
N GLN C 111 -19.27 -13.71 -1.20
CA GLN C 111 -17.93 -13.77 -1.82
C GLN C 111 -17.17 -14.93 -1.19
N GLY C 112 -17.57 -15.34 0.00
CA GLY C 112 -16.85 -16.40 0.70
C GLY C 112 -15.69 -15.88 1.51
N THR C 113 -15.39 -16.53 2.63
CA THR C 113 -14.28 -16.11 3.51
C THR C 113 -13.34 -17.30 3.74
N LEU C 114 -12.12 -17.20 3.25
CA LEU C 114 -11.11 -18.24 3.49
C LEU C 114 -10.61 -18.10 4.92
N VAL C 115 -10.82 -19.12 5.72
CA VAL C 115 -10.31 -19.13 7.11
C VAL C 115 -9.17 -20.14 7.14
N THR C 116 -8.00 -19.69 7.57
CA THR C 116 -6.82 -20.56 7.63
C THR C 116 -6.54 -20.87 9.10
N VAL C 117 -6.48 -22.14 9.46
CA VAL C 117 -6.22 -22.54 10.87
C VAL C 117 -4.74 -22.87 11.03
N SER C 118 -4.02 -21.95 11.66
CA SER C 118 -2.56 -22.10 11.87
C SER C 118 -2.08 -21.31 13.07
N SER C 119 -1.05 -21.80 13.75
CA SER C 119 -0.43 -21.06 14.87
C SER C 119 0.48 -19.96 14.33
N ALA C 120 0.82 -20.00 13.04
CA ALA C 120 1.76 -19.05 12.45
C ALA C 120 1.15 -17.66 12.33
N SER C 121 2.00 -16.66 12.37
CA SER C 121 1.47 -15.29 12.37
C SER C 121 1.34 -14.75 10.95
N THR C 122 0.50 -13.73 10.82
CA THR C 122 0.21 -13.09 9.52
C THR C 122 1.41 -12.30 9.02
N LYS C 123 1.64 -12.30 7.72
CA LYS C 123 2.69 -11.46 7.13
C LYS C 123 2.09 -10.79 5.88
N GLY C 124 2.14 -9.48 5.84
CA GLY C 124 1.70 -8.74 4.65
C GLY C 124 2.65 -8.89 3.48
N PRO C 125 2.18 -8.63 2.22
CA PRO C 125 3.01 -8.90 1.09
C PRO C 125 4.05 -7.85 0.71
N SER C 126 5.09 -8.31 0.05
CA SER C 126 6.07 -7.40 -0.56
C SER C 126 5.75 -7.41 -2.05
N VAL C 127 5.55 -6.24 -2.64
CA VAL C 127 5.14 -6.16 -4.05
C VAL C 127 6.28 -5.57 -4.88
N PHE C 128 6.63 -6.24 -5.95
CA PHE C 128 7.73 -5.80 -6.84
C PHE C 128 7.22 -5.68 -8.26
N PRO C 129 7.72 -4.73 -9.09
CA PRO C 129 7.24 -4.61 -10.42
C PRO C 129 7.79 -5.61 -11.44
N LEU C 130 6.96 -6.00 -12.38
CA LEU C 130 7.40 -6.82 -13.52
C LEU C 130 7.31 -5.82 -14.65
N ALA C 131 8.34 -5.01 -14.82
CA ALA C 131 8.29 -3.86 -15.74
C ALA C 131 8.28 -4.21 -17.20
N PRO C 132 7.48 -3.48 -18.02
CA PRO C 132 7.48 -3.71 -19.45
C PRO C 132 8.81 -3.27 -20.11
N SER C 133 9.32 -4.11 -20.98
CA SER C 133 10.60 -3.86 -21.70
C SER C 133 10.48 -4.34 -23.13
N SER C 134 11.59 -4.26 -23.87
CA SER C 134 11.67 -4.81 -25.24
C SER C 134 11.52 -6.32 -25.19
N LYS C 135 11.95 -6.95 -24.08
CA LYS C 135 11.88 -8.41 -23.87
C LYS C 135 10.49 -8.83 -23.40
N SER C 136 9.58 -7.89 -23.17
CA SER C 136 8.20 -8.20 -22.74
C SER C 136 7.22 -7.65 -23.80
N THR C 137 7.70 -7.29 -24.99
CA THR C 137 6.84 -6.67 -26.01
C THR C 137 6.84 -7.48 -27.30
N SER C 138 5.68 -7.88 -27.78
CA SER C 138 5.52 -8.67 -29.03
C SER C 138 4.45 -8.07 -29.92
N GLY C 139 4.81 -7.58 -31.11
CA GLY C 139 3.82 -7.09 -32.08
C GLY C 139 2.81 -6.08 -31.55
N GLY C 140 3.25 -4.97 -30.99
CA GLY C 140 2.31 -3.92 -30.59
C GLY C 140 1.66 -4.15 -29.25
N THR C 141 2.02 -5.22 -28.58
CA THR C 141 1.41 -5.57 -27.28
C THR C 141 2.51 -5.78 -26.25
N ALA C 142 2.34 -5.18 -25.08
CA ALA C 142 3.35 -5.31 -24.02
C ALA C 142 2.80 -6.06 -22.81
N ALA C 143 3.65 -6.84 -22.17
CA ALA C 143 3.28 -7.50 -20.91
C ALA C 143 3.87 -6.72 -19.73
N LEU C 144 3.09 -6.56 -18.68
CA LEU C 144 3.52 -5.89 -17.42
C LEU C 144 2.88 -6.63 -16.24
N GLY C 145 3.42 -6.46 -15.04
CA GLY C 145 2.78 -7.10 -13.89
C GLY C 145 3.36 -6.76 -12.53
N CYS C 146 2.89 -7.46 -11.51
CA CYS C 146 3.43 -7.28 -10.14
C CYS C 146 3.69 -8.64 -9.52
N LEU C 147 4.86 -8.81 -8.91
CA LEU C 147 5.16 -10.04 -8.14
C LEU C 147 4.76 -9.77 -6.69
N VAL C 148 3.85 -10.58 -6.18
CA VAL C 148 3.37 -10.44 -4.79
C VAL C 148 4.03 -11.56 -4.01
N LYS C 149 4.98 -11.24 -3.16
CA LYS C 149 5.77 -12.28 -2.49
C LYS C 149 5.75 -12.25 -0.96
N ASP C 150 6.03 -13.38 -0.37
CA ASP C 150 6.24 -13.47 1.09
C ASP C 150 5.05 -12.99 1.91
N TYR C 151 3.89 -13.59 1.67
CA TYR C 151 2.70 -13.28 2.50
C TYR C 151 2.12 -14.56 3.11
N PHE C 152 1.38 -14.39 4.20
CA PHE C 152 0.73 -15.51 4.89
C PHE C 152 -0.37 -14.92 5.75
N PRO C 153 -1.55 -15.56 5.87
CA PRO C 153 -1.88 -16.64 4.96
C PRO C 153 -2.53 -16.20 3.66
N GLU C 154 -3.11 -17.14 2.96
CA GLU C 154 -3.96 -16.83 1.79
C GLU C 154 -5.23 -16.16 2.34
N PRO C 155 -5.98 -15.37 1.55
CA PRO C 155 -5.59 -14.96 0.22
C PRO C 155 -5.17 -13.52 -0.10
N VAL C 156 -4.67 -13.33 -1.30
CA VAL C 156 -4.44 -11.95 -1.83
C VAL C 156 -5.38 -11.77 -3.02
N THR C 157 -5.98 -10.60 -3.16
CA THR C 157 -6.75 -10.27 -4.38
C THR C 157 -6.00 -9.14 -5.10
N VAL C 158 -5.89 -9.24 -6.42
CA VAL C 158 -5.19 -8.20 -7.21
C VAL C 158 -6.14 -7.55 -8.21
N SER C 159 -6.20 -6.24 -8.18
CA SER C 159 -6.93 -5.46 -9.19
C SER C 159 -5.92 -4.60 -9.92
N TRP C 160 -6.33 -4.02 -11.03
CA TRP C 160 -5.44 -3.11 -11.79
C TRP C 160 -6.20 -1.82 -12.05
N ASN C 161 -5.58 -0.70 -11.73
CA ASN C 161 -6.20 0.63 -11.94
C ASN C 161 -7.53 0.71 -11.18
N SER C 162 -7.58 0.13 -9.99
CA SER C 162 -8.77 0.14 -9.11
C SER C 162 -9.97 -0.49 -9.80
N GLY C 163 -9.72 -1.47 -10.67
CA GLY C 163 -10.82 -2.23 -11.30
C GLY C 163 -11.12 -1.78 -12.71
N ALA C 164 -10.54 -0.68 -13.14
CA ALA C 164 -10.78 -0.14 -14.50
C ALA C 164 -10.08 -0.99 -15.55
N LEU C 165 -9.05 -1.75 -15.18
CA LEU C 165 -8.35 -2.63 -16.14
C LEU C 165 -8.60 -4.10 -15.78
N THR C 166 -9.36 -4.78 -16.63
CA THR C 166 -9.74 -6.19 -16.41
C THR C 166 -9.31 -7.01 -17.63
N SER C 167 -9.39 -6.42 -18.81
CA SER C 167 -9.06 -7.15 -20.05
C SER C 167 -7.59 -7.50 -20.11
N GLY C 168 -7.29 -8.75 -20.38
CA GLY C 168 -5.89 -9.21 -20.47
C GLY C 168 -5.26 -9.56 -19.14
N VAL C 169 -6.00 -9.46 -18.04
CA VAL C 169 -5.38 -9.66 -16.71
C VAL C 169 -5.35 -11.15 -16.33
N HIS C 170 -4.20 -11.66 -15.95
CA HIS C 170 -4.06 -13.06 -15.47
C HIS C 170 -3.40 -13.02 -14.10
N THR C 171 -4.13 -13.42 -13.07
CA THR C 171 -3.58 -13.50 -11.71
C THR C 171 -3.41 -14.97 -11.39
N PHE C 172 -2.17 -15.37 -11.26
CA PHE C 172 -1.86 -16.79 -11.07
C PHE C 172 -2.23 -17.31 -9.71
N PRO C 173 -2.54 -18.63 -9.61
CA PRO C 173 -2.69 -19.24 -8.32
C PRO C 173 -1.41 -19.11 -7.49
N ALA C 174 -1.56 -18.99 -6.19
CA ALA C 174 -0.38 -18.84 -5.31
C ALA C 174 0.35 -20.17 -5.12
N VAL C 175 1.65 -20.09 -4.88
CA VAL C 175 2.43 -21.30 -4.55
C VAL C 175 2.99 -21.16 -3.13
N LEU C 176 2.93 -22.20 -2.33
CA LEU C 176 3.57 -22.16 -1.01
C LEU C 176 5.07 -22.38 -1.21
N GLN C 177 5.87 -21.47 -0.69
CA GLN C 177 7.33 -21.59 -0.84
C GLN C 177 7.90 -22.45 0.29
N SER C 178 9.18 -22.79 0.20
CA SER C 178 9.90 -23.56 1.25
C SER C 178 9.85 -22.82 2.57
N SER C 179 9.70 -21.50 2.52
CA SER C 179 9.66 -20.65 3.72
C SER C 179 8.33 -20.74 4.46
N GLY C 180 7.32 -21.34 3.84
CA GLY C 180 5.99 -21.34 4.47
C GLY C 180 5.24 -20.07 4.13
N LEU C 181 5.78 -19.29 3.20
CA LEU C 181 5.13 -18.06 2.76
C LEU C 181 4.67 -18.20 1.31
N TYR C 182 3.61 -17.52 0.96
CA TYR C 182 3.03 -17.65 -0.39
C TYR C 182 3.58 -16.58 -1.35
N SER C 183 3.53 -16.88 -2.64
CA SER C 183 3.87 -15.87 -3.67
C SER C 183 3.03 -16.09 -4.92
N LEU C 184 2.71 -14.98 -5.59
CA LEU C 184 1.98 -15.05 -6.88
C LEU C 184 2.35 -13.87 -7.75
N SER C 185 2.07 -14.01 -9.03
CA SER C 185 2.24 -12.84 -9.92
C SER C 185 0.91 -12.53 -10.60
N SER C 186 0.65 -11.26 -10.82
CA SER C 186 -0.51 -10.86 -11.63
C SER C 186 0.09 -10.13 -12.82
N VAL C 187 -0.35 -10.51 -14.01
CA VAL C 187 0.17 -9.91 -15.27
C VAL C 187 -0.99 -9.37 -16.12
N VAL C 188 -0.69 -8.41 -17.00
CA VAL C 188 -1.69 -7.81 -17.91
C VAL C 188 -0.99 -7.46 -19.24
N THR C 189 -1.67 -7.74 -20.34
CA THR C 189 -1.16 -7.35 -21.68
C THR C 189 -1.93 -6.10 -22.11
N VAL C 190 -1.20 -5.07 -22.51
CA VAL C 190 -1.80 -3.78 -22.92
C VAL C 190 -1.17 -3.32 -24.24
N PRO C 191 -1.74 -2.32 -24.96
CA PRO C 191 -1.07 -1.79 -26.13
C PRO C 191 0.23 -1.10 -25.74
N SER C 192 1.30 -1.36 -26.49
CA SER C 192 2.59 -0.69 -26.24
C SER C 192 2.43 0.81 -26.43
N SER C 193 1.47 1.25 -27.21
CA SER C 193 1.19 2.69 -27.43
C SER C 193 0.79 3.35 -26.11
N SER C 194 0.20 2.59 -25.19
CA SER C 194 -0.34 3.16 -23.94
C SER C 194 0.73 3.32 -22.88
N LEU C 195 1.87 2.70 -23.05
CA LEU C 195 2.89 2.74 -21.99
C LEU C 195 3.29 4.19 -21.69
N GLY C 196 3.25 5.08 -22.67
CA GLY C 196 3.56 6.48 -22.34
C GLY C 196 2.42 7.18 -21.63
N THR C 197 1.22 7.13 -22.18
CA THR C 197 0.12 7.95 -21.65
C THR C 197 -0.65 7.35 -20.46
N GLN C 198 -0.62 6.04 -20.27
CA GLN C 198 -1.51 5.43 -19.23
C GLN C 198 -0.72 4.89 -18.04
N THR C 199 -1.05 5.36 -16.86
CA THR C 199 -0.43 4.83 -15.61
C THR C 199 -0.99 3.44 -15.30
N TYR C 200 -0.12 2.49 -14.96
CA TYR C 200 -0.51 1.11 -14.59
C TYR C 200 -0.16 0.83 -13.13
N ILE C 201 -1.17 0.62 -12.29
CA ILE C 201 -0.99 0.35 -10.84
C ILE C 201 -1.69 -0.95 -10.46
N CYS C 202 -0.98 -1.88 -9.83
CA CYS C 202 -1.52 -3.12 -9.26
C CYS C 202 -2.06 -2.80 -7.87
N ASN C 203 -3.29 -3.16 -7.55
CA ASN C 203 -3.84 -2.99 -6.19
C ASN C 203 -3.87 -4.36 -5.53
N VAL C 204 -2.99 -4.60 -4.58
CA VAL C 204 -2.89 -5.91 -3.90
C VAL C 204 -3.54 -5.83 -2.52
N ASN C 205 -4.58 -6.63 -2.33
CA ASN C 205 -5.29 -6.64 -1.05
C ASN C 205 -4.94 -7.90 -0.27
N HIS C 206 -4.48 -7.75 0.97
CA HIS C 206 -4.23 -8.91 1.86
C HIS C 206 -4.99 -8.63 3.16
N LYS C 207 -6.29 -8.89 3.16
CA LYS C 207 -7.17 -8.69 4.33
C LYS C 207 -6.73 -9.47 5.58
N PRO C 208 -6.14 -10.70 5.53
CA PRO C 208 -5.62 -11.34 6.74
C PRO C 208 -4.60 -10.48 7.54
N SER C 209 -3.81 -9.63 6.89
CA SER C 209 -2.82 -8.75 7.53
C SER C 209 -3.35 -7.31 7.62
N ASN C 210 -4.59 -7.08 7.19
CA ASN C 210 -5.18 -5.71 7.16
C ASN C 210 -4.27 -4.79 6.32
N THR C 211 -3.71 -5.33 5.24
CA THR C 211 -2.79 -4.55 4.39
C THR C 211 -3.25 -4.46 2.93
N LYS C 212 -3.17 -3.26 2.34
CA LYS C 212 -3.42 -3.07 0.89
C LYS C 212 -2.20 -2.34 0.33
N VAL C 213 -1.61 -2.88 -0.73
CA VAL C 213 -0.40 -2.29 -1.35
C VAL C 213 -0.71 -1.92 -2.81
N ASP C 214 -0.53 -0.65 -3.15
CA ASP C 214 -0.66 -0.20 -4.55
C ASP C 214 0.74 0.00 -5.10
N LYS C 215 1.02 -0.58 -6.26
CA LYS C 215 2.36 -0.46 -6.88
C LYS C 215 2.27 0.04 -8.32
N LYS C 216 2.81 1.22 -8.57
CA LYS C 216 2.85 1.78 -9.94
C LYS C 216 3.95 1.05 -10.68
N VAL C 217 3.63 0.52 -11.85
CA VAL C 217 4.61 -0.21 -12.68
C VAL C 217 5.00 0.70 -13.84
N GLU C 218 6.28 1.04 -13.89
CA GLU C 218 6.73 2.01 -14.90
C GLU C 218 7.55 1.32 -15.99
N PRO C 219 7.48 1.77 -17.28
CA PRO C 219 8.21 1.11 -18.36
C PRO C 219 9.72 1.25 -18.23
N LYS C 220 10.45 0.21 -18.65
CA LYS C 220 11.92 0.24 -18.64
C LYS C 220 12.42 0.80 -19.97
N SER C 221 13.57 1.46 -19.97
CA SER C 221 14.31 2.05 -21.12
C SER C 221 14.86 0.94 -22.00
N ASP D 1 -27.54 -41.78 4.67
CA ASP D 1 -27.10 -40.51 4.05
C ASP D 1 -27.02 -40.70 2.53
N ILE D 2 -27.32 -39.65 1.77
CA ILE D 2 -27.38 -39.83 0.30
C ILE D 2 -26.03 -39.46 -0.30
N VAL D 3 -25.48 -40.37 -1.09
CA VAL D 3 -24.19 -40.15 -1.78
C VAL D 3 -24.53 -39.82 -3.23
N LEU D 4 -23.98 -38.73 -3.74
CA LEU D 4 -24.20 -38.33 -5.14
C LEU D 4 -22.92 -38.59 -5.93
N THR D 5 -23.04 -39.34 -7.02
CA THR D 5 -21.89 -39.65 -7.89
C THR D 5 -22.12 -39.04 -9.28
N GLN D 6 -21.26 -38.11 -9.65
CA GLN D 6 -21.39 -37.42 -10.94
C GLN D 6 -20.58 -38.10 -12.04
N SER D 7 -21.08 -38.04 -13.27
CA SER D 7 -20.37 -38.58 -14.44
C SER D 7 -20.68 -37.67 -15.63
N PRO D 8 -19.66 -37.26 -16.41
CA PRO D 8 -18.29 -37.64 -16.12
C PRO D 8 -17.58 -36.79 -15.06
N ALA D 9 -16.42 -37.22 -14.60
CA ALA D 9 -15.65 -36.42 -13.66
C ALA D 9 -15.13 -35.16 -14.36
N SER D 10 -14.76 -35.31 -15.61
CA SER D 10 -14.17 -34.21 -16.41
C SER D 10 -14.54 -34.42 -17.88
N LEU D 11 -14.74 -33.33 -18.61
CA LEU D 11 -15.01 -33.42 -20.06
C LEU D 11 -14.56 -32.14 -20.78
N ALA D 12 -14.15 -32.31 -22.02
CA ALA D 12 -13.77 -31.17 -22.87
C ALA D 12 -14.74 -31.10 -24.04
N VAL D 13 -15.38 -29.96 -24.22
CA VAL D 13 -16.43 -29.80 -25.27
C VAL D 13 -16.12 -28.60 -26.16
N SER D 14 -16.18 -28.80 -27.47
CA SER D 14 -15.98 -27.74 -28.48
C SER D 14 -17.11 -26.71 -28.37
N PRO D 15 -16.86 -25.39 -28.52
CA PRO D 15 -17.95 -24.42 -28.52
C PRO D 15 -19.02 -24.72 -29.56
N GLY D 16 -20.28 -24.51 -29.20
CA GLY D 16 -21.40 -24.81 -30.10
C GLY D 16 -21.97 -26.18 -29.85
N GLU D 17 -21.18 -27.07 -29.29
CA GLU D 17 -21.66 -28.45 -29.12
C GLU D 17 -22.41 -28.65 -27.80
N ARG D 18 -23.00 -29.82 -27.61
CA ARG D 18 -23.80 -30.13 -26.42
C ARG D 18 -22.97 -30.85 -25.37
N ALA D 19 -23.16 -30.49 -24.11
CA ALA D 19 -22.51 -31.20 -22.98
C ALA D 19 -23.60 -31.83 -22.11
N THR D 20 -23.37 -33.06 -21.69
CA THR D 20 -24.32 -33.82 -20.86
C THR D 20 -23.61 -34.23 -19.58
N ILE D 21 -24.11 -33.77 -18.44
CA ILE D 21 -23.51 -34.09 -17.11
C ILE D 21 -24.58 -34.81 -16.28
N SER D 22 -24.22 -35.93 -15.71
CA SER D 22 -25.17 -36.78 -14.95
C SER D 22 -24.86 -36.81 -13.44
N CYS D 23 -25.88 -37.04 -12.64
CA CYS D 23 -25.69 -37.20 -11.18
C CYS D 23 -26.57 -38.37 -10.73
N ARG D 24 -25.88 -39.35 -10.16
CA ARG D 24 -26.55 -40.55 -9.65
C ARG D 24 -26.65 -40.47 -8.14
N ALA D 25 -27.85 -40.65 -7.62
CA ALA D 25 -28.08 -40.63 -6.17
C ALA D 25 -28.12 -42.03 -5.59
N SER D 26 -27.60 -42.21 -4.39
CA SER D 26 -27.64 -43.52 -3.71
C SER D 26 -29.09 -43.86 -3.36
N GLN D 27 -29.92 -42.86 -3.22
CA GLN D 27 -31.33 -43.08 -2.84
C GLN D 27 -32.21 -42.03 -3.51
N SER D 28 -33.50 -42.30 -3.59
CA SER D 28 -34.46 -41.37 -4.21
C SER D 28 -34.42 -39.99 -3.55
N VAL D 29 -34.44 -38.95 -4.36
CA VAL D 29 -34.51 -37.56 -3.82
C VAL D 29 -35.91 -37.02 -4.13
N THR D 30 -36.84 -37.94 -4.36
CA THR D 30 -38.26 -37.60 -4.63
C THR D 30 -39.11 -37.66 -3.37
N ILE D 31 -39.87 -36.61 -3.10
CA ILE D 31 -40.80 -36.57 -1.94
C ILE D 31 -41.92 -35.60 -2.30
N PHE D 32 -43.16 -36.00 -2.02
CA PHE D 32 -44.34 -35.15 -2.32
C PHE D 32 -44.35 -34.83 -3.81
N SER D 33 -43.86 -35.74 -4.65
CA SER D 33 -43.86 -35.49 -6.12
C SER D 33 -42.83 -34.42 -6.54
N ILE D 34 -41.89 -34.07 -5.68
CA ILE D 34 -40.87 -33.04 -6.02
C ILE D 34 -39.51 -33.75 -6.01
N ASN D 35 -38.69 -33.51 -7.03
CA ASN D 35 -37.32 -34.06 -7.06
C ASN D 35 -36.39 -32.98 -6.48
N LEU D 36 -35.88 -33.20 -5.27
CA LEU D 36 -35.08 -32.18 -4.56
C LEU D 36 -33.61 -32.28 -5.01
N MET D 37 -33.38 -31.96 -6.27
CA MET D 37 -32.03 -31.99 -6.86
C MET D 37 -31.74 -30.59 -7.40
N GLN D 38 -30.59 -30.08 -7.01
CA GLN D 38 -30.17 -28.74 -7.46
C GLN D 38 -28.88 -28.88 -8.25
N TRP D 39 -28.63 -27.97 -9.16
CA TRP D 39 -27.37 -27.92 -9.92
C TRP D 39 -26.70 -26.57 -9.65
N PHE D 40 -25.40 -26.58 -9.48
CA PHE D 40 -24.62 -25.35 -9.23
C PHE D 40 -23.43 -25.23 -10.19
N GLN D 41 -23.07 -24.00 -10.54
CA GLN D 41 -21.90 -23.73 -11.37
C GLN D 41 -20.86 -22.93 -10.57
N GLN D 42 -19.63 -23.40 -10.56
CA GLN D 42 -18.53 -22.65 -9.91
C GLN D 42 -17.50 -22.28 -10.96
N LYS D 43 -17.61 -21.07 -11.46
CA LYS D 43 -16.65 -20.56 -12.45
C LYS D 43 -15.32 -20.31 -11.73
N PRO D 44 -14.15 -20.27 -12.44
CA PRO D 44 -12.86 -20.09 -11.78
C PRO D 44 -12.72 -18.83 -10.90
N GLY D 45 -12.33 -19.02 -9.64
CA GLY D 45 -12.14 -17.91 -8.68
C GLY D 45 -13.45 -17.35 -8.17
N GLN D 46 -14.55 -18.08 -8.37
CA GLN D 46 -15.87 -17.53 -8.01
C GLN D 46 -16.62 -18.45 -7.04
N PRO D 47 -17.59 -17.92 -6.26
CA PRO D 47 -18.42 -18.78 -5.45
C PRO D 47 -19.37 -19.61 -6.31
N PRO D 48 -19.88 -20.75 -5.79
CA PRO D 48 -20.89 -21.49 -6.51
C PRO D 48 -22.12 -20.63 -6.78
N LYS D 49 -22.76 -20.83 -7.92
CA LYS D 49 -23.99 -20.11 -8.30
C LYS D 49 -25.08 -21.13 -8.62
N LEU D 50 -26.29 -20.93 -8.09
CA LEU D 50 -27.45 -21.82 -8.38
C LEU D 50 -27.89 -21.72 -9.84
N LEU D 51 -27.89 -22.84 -10.53
CA LEU D 51 -28.34 -22.89 -11.92
C LEU D 51 -29.76 -23.43 -11.96
N ILE D 52 -29.97 -24.60 -11.38
CA ILE D 52 -31.26 -25.33 -11.46
C ILE D 52 -31.73 -25.74 -10.06
N TYR D 53 -33.01 -25.59 -9.74
CA TYR D 53 -33.58 -26.09 -8.48
C TYR D 53 -34.75 -27.03 -8.78
N ARG D 54 -34.97 -27.99 -7.90
CA ARG D 54 -36.07 -28.97 -8.08
C ARG D 54 -35.93 -29.65 -9.45
N ALA D 55 -34.70 -30.00 -9.85
CA ALA D 55 -34.39 -30.78 -11.08
C ALA D 55 -34.54 -30.03 -12.39
N SER D 56 -35.48 -29.11 -12.53
CA SER D 56 -35.79 -28.49 -13.83
C SER D 56 -35.98 -26.97 -13.78
N ASN D 57 -36.18 -26.40 -12.60
CA ASN D 57 -36.48 -24.95 -12.59
C ASN D 57 -35.20 -24.16 -12.72
N LEU D 58 -35.14 -23.33 -13.75
CA LEU D 58 -33.95 -22.49 -13.91
C LEU D 58 -34.04 -21.29 -12.99
N ALA D 59 -32.94 -20.98 -12.31
CA ALA D 59 -32.89 -19.80 -11.45
C ALA D 59 -32.87 -18.54 -12.30
N SER D 60 -33.17 -17.40 -11.69
CA SER D 60 -33.13 -16.13 -12.45
C SER D 60 -31.70 -15.83 -12.85
N GLY D 61 -31.54 -15.27 -14.04
CA GLY D 61 -30.20 -14.92 -14.52
C GLY D 61 -29.45 -16.10 -15.13
N VAL D 62 -30.14 -17.22 -15.34
CA VAL D 62 -29.48 -18.42 -15.90
C VAL D 62 -29.89 -18.53 -17.37
N PRO D 63 -28.91 -18.56 -18.32
CA PRO D 63 -29.25 -18.70 -19.72
C PRO D 63 -30.10 -19.93 -20.00
N ASP D 64 -30.95 -19.86 -21.02
CA ASP D 64 -31.87 -20.96 -21.40
C ASP D 64 -31.12 -22.16 -21.97
N ARG D 65 -29.83 -22.01 -22.28
CA ARG D 65 -28.99 -23.12 -22.81
C ARG D 65 -28.78 -24.18 -21.73
N PHE D 66 -29.07 -23.84 -20.49
CA PHE D 66 -28.94 -24.77 -19.35
C PHE D 66 -30.29 -25.41 -19.07
N SER D 67 -30.33 -26.73 -19.07
CA SER D 67 -31.56 -27.52 -18.88
C SER D 67 -31.31 -28.62 -17.86
N GLY D 68 -32.28 -28.89 -17.02
CA GLY D 68 -32.18 -30.00 -16.06
C GLY D 68 -33.28 -31.02 -16.25
N SER D 69 -32.93 -32.28 -16.10
CA SER D 69 -33.94 -33.35 -16.26
C SER D 69 -33.71 -34.49 -15.28
N GLY D 70 -34.65 -35.41 -15.25
CA GLY D 70 -34.49 -36.61 -14.42
C GLY D 70 -35.48 -36.75 -13.29
N SER D 71 -35.43 -37.87 -12.61
CA SER D 71 -36.30 -38.17 -11.47
C SER D 71 -35.63 -39.25 -10.63
N GLY D 72 -36.00 -39.34 -9.36
CA GLY D 72 -35.51 -40.41 -8.48
C GLY D 72 -34.04 -40.39 -8.20
N THR D 73 -33.30 -41.27 -8.85
CA THR D 73 -31.86 -41.44 -8.57
C THR D 73 -31.00 -40.98 -9.75
N ASP D 74 -31.61 -40.54 -10.85
CA ASP D 74 -30.84 -40.26 -12.08
C ASP D 74 -31.24 -38.90 -12.63
N PHE D 75 -30.26 -38.01 -12.72
CA PHE D 75 -30.52 -36.62 -13.14
C PHE D 75 -29.45 -36.17 -14.13
N THR D 76 -29.81 -35.21 -14.97
CA THR D 76 -28.88 -34.76 -16.02
C THR D 76 -28.95 -33.25 -16.18
N LEU D 77 -27.79 -32.62 -16.25
CA LEU D 77 -27.74 -31.20 -16.62
C LEU D 77 -27.30 -31.21 -18.08
N THR D 78 -27.97 -30.42 -18.90
CA THR D 78 -27.65 -30.35 -20.34
C THR D 78 -27.31 -28.91 -20.72
N ILE D 79 -26.18 -28.73 -21.37
CA ILE D 79 -25.85 -27.40 -21.95
C ILE D 79 -26.06 -27.58 -23.45
N SER D 80 -27.12 -26.99 -23.97
CA SER D 80 -27.50 -27.16 -25.39
C SER D 80 -26.34 -26.76 -26.29
N ARG D 81 -25.82 -25.55 -26.13
CA ARG D 81 -24.68 -25.11 -26.94
C ARG D 81 -23.66 -24.49 -26.01
N VAL D 82 -22.55 -25.18 -25.86
CA VAL D 82 -21.49 -24.75 -24.92
C VAL D 82 -20.87 -23.45 -25.42
N GLU D 83 -20.64 -22.53 -24.49
CA GLU D 83 -19.95 -21.28 -24.83
C GLU D 83 -18.68 -21.22 -23.97
N ALA D 84 -17.75 -20.34 -24.31
CA ALA D 84 -16.47 -20.19 -23.60
C ALA D 84 -16.68 -19.81 -22.13
N GLU D 85 -17.72 -19.07 -21.84
N GLU D 85 -17.80 -19.02 -21.87
CA GLU D 85 -18.00 -18.60 -20.45
CA GLU D 85 -18.08 -18.55 -20.48
C GLU D 85 -18.45 -19.77 -19.56
C GLU D 85 -18.53 -19.72 -19.59
N ASP D 86 -18.72 -20.93 -20.14
CA ASP D 86 -19.24 -22.09 -19.38
C ASP D 86 -18.11 -22.89 -18.70
N VAL D 87 -16.86 -22.48 -18.84
CA VAL D 87 -15.74 -23.15 -18.11
C VAL D 87 -15.99 -23.06 -16.60
N ALA D 88 -16.16 -24.21 -15.98
CA ALA D 88 -16.49 -24.27 -14.55
C ALA D 88 -16.50 -25.68 -14.02
N VAL D 89 -16.67 -25.78 -12.72
CA VAL D 89 -16.94 -27.09 -12.10
C VAL D 89 -18.44 -27.08 -11.82
N TYR D 90 -19.13 -28.14 -12.22
CA TYR D 90 -20.60 -28.25 -12.02
C TYR D 90 -20.86 -29.27 -10.91
N TYR D 91 -21.74 -28.90 -9.99
CA TYR D 91 -22.03 -29.77 -8.83
C TYR D 91 -23.51 -30.04 -8.66
N CYS D 92 -23.88 -31.28 -8.45
CA CYS D 92 -25.27 -31.61 -8.10
C CYS D 92 -25.43 -31.60 -6.58
N GLN D 93 -26.64 -31.34 -6.10
CA GLN D 93 -26.93 -31.29 -4.66
C GLN D 93 -28.31 -31.88 -4.37
N GLN D 94 -28.42 -32.71 -3.35
CA GLN D 94 -29.72 -33.25 -2.90
C GLN D 94 -30.19 -32.53 -1.64
N THR D 95 -31.48 -32.21 -1.57
CA THR D 95 -32.06 -31.56 -0.35
C THR D 95 -33.17 -32.48 0.20
N ARG D 96 -33.15 -33.74 -0.17
CA ARG D 96 -34.20 -34.70 0.26
C ARG D 96 -33.97 -35.07 1.73
N GLU D 97 -32.71 -35.24 2.10
CA GLU D 97 -32.36 -35.60 3.48
C GLU D 97 -31.53 -34.50 4.13
N SER D 98 -31.41 -34.52 5.44
CA SER D 98 -30.49 -33.60 6.15
C SER D 98 -29.37 -34.46 6.73
N PRO D 99 -28.09 -34.16 6.45
CA PRO D 99 -27.76 -32.91 5.80
C PRO D 99 -27.80 -32.97 4.27
N PRO D 100 -28.12 -31.84 3.58
CA PRO D 100 -27.98 -31.79 2.16
C PRO D 100 -26.56 -32.22 1.77
N THR D 101 -26.45 -32.94 0.66
CA THR D 101 -25.14 -33.42 0.21
C THR D 101 -24.89 -32.98 -1.23
N PHE D 102 -23.62 -32.87 -1.59
CA PHE D 102 -23.22 -32.47 -2.94
C PHE D 102 -22.41 -33.56 -3.64
N GLY D 103 -22.44 -33.55 -4.97
CA GLY D 103 -21.56 -34.43 -5.73
C GLY D 103 -20.14 -33.93 -5.71
N GLN D 104 -19.20 -34.73 -6.20
CA GLN D 104 -17.77 -34.33 -6.14
C GLN D 104 -17.42 -33.41 -7.31
N GLY D 105 -18.38 -33.14 -8.17
CA GLY D 105 -18.16 -32.16 -9.24
C GLY D 105 -17.73 -32.71 -10.57
N THR D 106 -18.09 -31.99 -11.63
CA THR D 106 -17.70 -32.33 -13.01
C THR D 106 -16.99 -31.10 -13.60
N LYS D 107 -15.74 -31.26 -14.00
CA LYS D 107 -14.96 -30.14 -14.55
C LYS D 107 -15.19 -30.03 -16.06
N LEU D 108 -15.73 -28.91 -16.51
CA LEU D 108 -15.94 -28.66 -17.95
C LEU D 108 -14.81 -27.80 -18.55
N GLU D 109 -14.14 -28.33 -19.55
CA GLU D 109 -13.12 -27.59 -20.32
C GLU D 109 -13.68 -27.31 -21.72
N ILE D 110 -13.31 -26.19 -22.31
CA ILE D 110 -13.75 -25.82 -23.68
C ILE D 110 -12.64 -26.21 -24.65
N LYS D 111 -12.91 -27.15 -25.55
CA LYS D 111 -11.89 -27.56 -26.54
C LYS D 111 -11.79 -26.50 -27.63
N ARG D 112 -10.60 -25.97 -27.81
CA ARG D 112 -10.42 -24.93 -28.84
C ARG D 112 -9.22 -25.25 -29.72
N THR D 113 -8.96 -24.36 -30.66
CA THR D 113 -7.83 -24.51 -31.60
C THR D 113 -6.49 -24.43 -30.87
N VAL D 114 -5.50 -25.11 -31.42
CA VAL D 114 -4.15 -25.05 -30.84
C VAL D 114 -3.66 -23.60 -30.93
N ALA D 115 -3.13 -23.09 -29.83
CA ALA D 115 -2.61 -21.71 -29.77
C ALA D 115 -1.26 -21.73 -29.07
N ALA D 116 -0.22 -21.23 -29.73
CA ALA D 116 1.14 -21.32 -29.17
C ALA D 116 1.37 -20.24 -28.11
N PRO D 117 2.20 -20.45 -27.09
CA PRO D 117 2.35 -19.41 -26.12
C PRO D 117 3.25 -18.25 -26.54
N SER D 118 2.83 -17.02 -26.21
CA SER D 118 3.76 -15.88 -26.37
C SER D 118 4.66 -15.95 -25.12
N VAL D 119 5.99 -16.03 -25.27
CA VAL D 119 6.92 -16.16 -24.10
C VAL D 119 7.57 -14.83 -23.76
N PHE D 120 7.63 -14.48 -22.48
CA PHE D 120 8.16 -13.17 -22.02
C PHE D 120 9.02 -13.41 -20.78
N ILE D 121 10.08 -12.63 -20.60
CA ILE D 121 10.98 -12.84 -19.43
C ILE D 121 11.16 -11.52 -18.69
N PHE D 122 11.14 -11.63 -17.36
CA PHE D 122 11.20 -10.43 -16.50
C PHE D 122 12.35 -10.61 -15.51
N PRO D 123 13.50 -9.92 -15.71
CA PRO D 123 14.55 -9.99 -14.72
C PRO D 123 14.08 -9.39 -13.38
N PRO D 124 14.75 -9.73 -12.24
CA PRO D 124 14.34 -9.23 -10.95
C PRO D 124 14.45 -7.71 -10.78
N SER D 125 13.60 -7.15 -9.93
CA SER D 125 13.68 -5.70 -9.62
C SER D 125 14.93 -5.41 -8.78
N ASP D 126 15.50 -4.24 -8.99
CA ASP D 126 16.66 -3.81 -8.15
C ASP D 126 16.20 -3.75 -6.70
N GLU D 127 14.96 -3.31 -6.47
CA GLU D 127 14.39 -3.29 -5.10
C GLU D 127 14.37 -4.70 -4.47
N GLN D 128 13.97 -5.75 -5.18
CA GLN D 128 13.99 -7.09 -4.55
C GLN D 128 15.42 -7.57 -4.30
N LEU D 129 16.33 -7.31 -5.21
CA LEU D 129 17.72 -7.80 -5.10
C LEU D 129 18.38 -7.22 -3.83
N LYS D 130 18.04 -6.00 -3.46
CA LYS D 130 18.53 -5.34 -2.22
C LYS D 130 18.11 -6.18 -1.01
N SER D 131 16.99 -6.86 -1.09
CA SER D 131 16.53 -7.73 0.01
C SER D 131 17.25 -9.07 0.00
N GLY D 132 18.08 -9.32 -1.00
CA GLY D 132 18.90 -10.56 -0.97
C GLY D 132 18.37 -11.71 -1.80
N THR D 133 17.23 -11.51 -2.48
CA THR D 133 16.62 -12.59 -3.28
C THR D 133 16.36 -12.09 -4.69
N ALA D 134 16.53 -12.97 -5.67
CA ALA D 134 16.21 -12.63 -7.07
C ALA D 134 15.10 -13.54 -7.56
N SER D 135 14.07 -12.98 -8.15
CA SER D 135 12.99 -13.78 -8.75
C SER D 135 12.97 -13.50 -10.25
N VAL D 136 13.29 -14.52 -11.04
CA VAL D 136 13.20 -14.30 -12.51
C VAL D 136 11.93 -15.01 -12.98
N VAL D 137 11.15 -14.27 -13.74
CA VAL D 137 9.78 -14.73 -14.11
C VAL D 137 9.64 -14.91 -15.61
N CYS D 138 9.27 -16.12 -16.01
CA CYS D 138 8.98 -16.42 -17.42
C CYS D 138 7.46 -16.56 -17.58
N LEU D 139 6.84 -15.74 -18.42
CA LEU D 139 5.39 -15.82 -18.68
C LEU D 139 5.11 -16.51 -20.00
N LEU D 140 4.28 -17.56 -19.98
CA LEU D 140 3.78 -18.23 -21.19
C LEU D 140 2.34 -17.78 -21.25
N ASN D 141 1.97 -16.93 -22.18
CA ASN D 141 0.62 -16.35 -22.18
C ASN D 141 -0.31 -16.89 -23.27
N ASN D 142 -1.58 -17.08 -22.93
CA ASN D 142 -2.65 -17.39 -23.90
C ASN D 142 -2.30 -18.56 -24.81
N PHE D 143 -2.09 -19.74 -24.24
CA PHE D 143 -1.78 -20.95 -25.02
C PHE D 143 -2.82 -22.06 -24.84
N TYR D 144 -2.92 -22.95 -25.81
CA TYR D 144 -3.83 -24.12 -25.75
C TYR D 144 -3.26 -25.20 -26.66
N PRO D 145 -3.05 -26.44 -26.17
CA PRO D 145 -3.49 -26.86 -24.84
C PRO D 145 -2.59 -26.60 -23.62
N ARG D 146 -2.98 -27.13 -22.46
CA ARG D 146 -2.31 -26.80 -21.18
C ARG D 146 -0.93 -27.40 -21.04
N GLU D 147 -0.69 -28.56 -21.63
CA GLU D 147 0.61 -29.24 -21.40
C GLU D 147 1.74 -28.44 -22.01
N ALA D 148 2.68 -28.03 -21.18
CA ALA D 148 3.86 -27.29 -21.65
C ALA D 148 5.02 -27.59 -20.69
N LYS D 149 6.23 -27.62 -21.21
CA LYS D 149 7.42 -27.92 -20.37
C LYS D 149 8.34 -26.71 -20.38
N VAL D 150 8.77 -26.26 -19.20
CA VAL D 150 9.66 -25.06 -19.12
C VAL D 150 10.96 -25.47 -18.44
N GLN D 151 12.08 -25.14 -19.07
CA GLN D 151 13.40 -25.52 -18.53
C GLN D 151 14.22 -24.26 -18.33
N TRP D 152 14.95 -24.24 -17.24
CA TRP D 152 15.79 -23.06 -16.95
C TRP D 152 17.26 -23.39 -17.17
N LYS D 153 17.93 -22.59 -17.98
CA LYS D 153 19.40 -22.78 -18.08
C LYS D 153 20.05 -21.42 -17.83
N VAL D 154 20.98 -21.43 -16.88
CA VAL D 154 21.68 -20.16 -16.60
C VAL D 154 23.15 -20.37 -16.93
N ASP D 155 23.69 -19.58 -17.84
CA ASP D 155 25.07 -19.81 -18.29
C ASP D 155 25.08 -21.21 -18.90
N ASN D 156 23.95 -21.65 -19.45
CA ASN D 156 23.73 -22.95 -20.14
C ASN D 156 23.96 -24.11 -19.16
N GLY D 161 16.26 -27.34 -9.58
CA GLY D 161 15.29 -27.49 -8.45
C GLY D 161 15.04 -26.18 -7.73
N ASN D 162 14.92 -25.07 -8.47
CA ASN D 162 14.74 -23.74 -7.85
C ASN D 162 13.73 -22.99 -8.71
N SER D 163 12.87 -23.75 -9.38
CA SER D 163 11.84 -23.22 -10.29
C SER D 163 10.45 -23.64 -9.80
N GLN D 164 9.48 -22.76 -9.82
CA GLN D 164 8.10 -23.18 -9.50
C GLN D 164 7.20 -22.68 -10.62
N GLU D 165 6.23 -23.50 -10.97
CA GLU D 165 5.29 -23.13 -12.04
C GLU D 165 3.86 -22.96 -11.50
N SER D 166 3.11 -22.03 -12.07
CA SER D 166 1.70 -21.79 -11.71
C SER D 166 0.92 -21.61 -13.01
N VAL D 167 -0.25 -22.23 -13.10
CA VAL D 167 -1.08 -22.16 -14.32
C VAL D 167 -2.46 -21.62 -13.97
N THR D 168 -2.94 -20.70 -14.77
CA THR D 168 -4.29 -20.16 -14.60
C THR D 168 -5.32 -21.17 -15.10
N GLU D 169 -6.56 -20.99 -14.70
CA GLU D 169 -7.65 -21.84 -15.26
C GLU D 169 -7.99 -21.27 -16.63
N GLN D 170 -8.72 -22.02 -17.42
CA GLN D 170 -9.05 -21.57 -18.78
C GLN D 170 -9.75 -20.23 -18.75
N ASP D 171 -9.37 -19.38 -19.68
CA ASP D 171 -9.97 -18.04 -19.80
C ASP D 171 -11.43 -18.15 -20.25
N SER D 172 -12.28 -17.32 -19.66
CA SER D 172 -13.71 -17.40 -19.99
C SER D 172 -14.03 -16.80 -21.36
N LYS D 173 -13.09 -16.17 -22.02
CA LYS D 173 -13.38 -15.58 -23.35
C LYS D 173 -12.61 -16.33 -24.44
N ASP D 174 -11.31 -16.53 -24.33
CA ASP D 174 -10.54 -17.14 -25.45
C ASP D 174 -10.20 -18.62 -25.20
N SER D 175 -10.58 -19.18 -24.05
CA SER D 175 -10.40 -20.61 -23.69
C SER D 175 -8.91 -21.01 -23.71
N THR D 176 -8.07 -20.04 -23.35
CA THR D 176 -6.62 -20.27 -23.26
C THR D 176 -6.13 -20.40 -21.82
N TYR D 177 -4.89 -20.84 -21.68
CA TYR D 177 -4.24 -20.93 -20.37
C TYR D 177 -3.02 -20.03 -20.37
N SER D 178 -2.59 -19.60 -19.19
CA SER D 178 -1.34 -18.83 -19.07
C SER D 178 -0.53 -19.44 -17.92
N LEU D 179 0.79 -19.42 -18.01
CA LEU D 179 1.65 -20.09 -17.03
C LEU D 179 2.81 -19.20 -16.60
N SER D 180 3.19 -19.30 -15.33
CA SER D 180 4.35 -18.58 -14.79
C SER D 180 5.42 -19.57 -14.40
N SER D 181 6.65 -19.39 -14.85
CA SER D 181 7.72 -20.20 -14.22
C SER D 181 8.63 -19.18 -13.53
N THR D 182 8.85 -19.41 -12.26
CA THR D 182 9.58 -18.42 -11.46
C THR D 182 10.86 -19.08 -10.97
N LEU D 183 12.00 -18.52 -11.36
CA LEU D 183 13.31 -19.04 -10.90
C LEU D 183 13.80 -18.16 -9.75
N THR D 184 14.06 -18.77 -8.63
CA THR D 184 14.41 -17.99 -7.42
C THR D 184 15.85 -18.28 -6.99
N LEU D 185 16.72 -17.28 -7.08
CA LEU D 185 18.11 -17.46 -6.63
C LEU D 185 18.54 -16.40 -5.62
N SER D 186 19.62 -16.68 -4.91
CA SER D 186 20.32 -15.73 -4.02
C SER D 186 20.65 -14.49 -4.82
N LYS D 187 20.77 -13.32 -4.21
CA LYS D 187 21.35 -12.18 -4.95
C LYS D 187 22.75 -12.60 -5.39
N ALA D 188 23.48 -13.28 -4.52
CA ALA D 188 24.87 -13.69 -4.80
C ALA D 188 24.91 -14.67 -5.97
N ASP D 189 24.20 -15.79 -5.82
CA ASP D 189 24.17 -16.80 -6.91
C ASP D 189 23.68 -16.11 -8.19
N TYR D 190 22.77 -15.16 -8.10
CA TYR D 190 22.27 -14.43 -9.28
C TYR D 190 23.39 -13.61 -9.91
N GLU D 191 24.14 -12.86 -9.11
CA GLU D 191 25.17 -11.94 -9.66
C GLU D 191 26.36 -12.73 -10.19
N LYS D 192 26.54 -13.98 -9.73
CA LYS D 192 27.61 -14.87 -10.25
C LYS D 192 27.41 -15.02 -11.75
N HIS D 193 26.28 -15.58 -12.13
CA HIS D 193 25.99 -15.83 -13.57
C HIS D 193 25.55 -14.55 -14.29
N LYS D 194 25.64 -14.55 -15.62
CA LYS D 194 25.23 -13.39 -16.46
C LYS D 194 24.09 -13.73 -17.42
N VAL D 195 23.98 -14.98 -17.85
CA VAL D 195 22.98 -15.33 -18.92
C VAL D 195 21.85 -16.13 -18.31
N TYR D 196 20.63 -15.64 -18.46
CA TYR D 196 19.46 -16.30 -17.84
C TYR D 196 18.47 -16.65 -18.95
N ALA D 197 18.10 -17.93 -19.04
CA ALA D 197 17.26 -18.35 -20.19
C ALA D 197 16.04 -19.18 -19.80
N CYS D 198 14.91 -18.88 -20.42
CA CYS D 198 13.64 -19.64 -20.26
C CYS D 198 13.44 -20.50 -21.52
N GLU D 199 13.52 -21.82 -21.41
CA GLU D 199 13.28 -22.72 -22.58
C GLU D 199 11.88 -23.35 -22.53
N VAL D 200 11.05 -23.10 -23.52
CA VAL D 200 9.66 -23.65 -23.45
C VAL D 200 9.36 -24.64 -24.56
N THR D 201 8.77 -25.77 -24.17
CA THR D 201 8.36 -26.85 -25.10
C THR D 201 6.82 -26.90 -25.14
N HIS D 202 6.18 -26.68 -26.29
CA HIS D 202 4.69 -26.75 -26.44
C HIS D 202 4.30 -27.31 -27.82
N GLN D 203 3.12 -27.91 -27.95
CA GLN D 203 2.51 -28.51 -29.17
C GLN D 203 2.45 -27.48 -30.31
N GLY D 204 2.08 -26.27 -29.93
CA GLY D 204 1.84 -25.23 -30.93
C GLY D 204 3.13 -24.61 -31.43
N LEU D 205 4.26 -25.09 -30.90
CA LEU D 205 5.59 -24.56 -31.29
C LEU D 205 6.32 -25.53 -32.21
N SER D 206 6.55 -25.13 -33.45
CA SER D 206 7.42 -25.80 -34.46
C SER D 206 8.71 -26.21 -33.78
N SER D 207 9.34 -25.15 -33.27
CA SER D 207 10.45 -25.65 -32.43
C SER D 207 10.57 -24.75 -31.20
N PRO D 208 11.17 -25.40 -30.16
CA PRO D 208 11.19 -24.85 -28.80
C PRO D 208 11.67 -23.40 -28.83
N VAL D 209 11.03 -22.56 -28.02
CA VAL D 209 11.36 -21.12 -27.99
C VAL D 209 12.11 -20.81 -26.70
N THR D 210 13.24 -20.12 -26.83
CA THR D 210 14.09 -19.73 -25.68
C THR D 210 14.03 -18.21 -25.56
N LYS D 211 13.65 -17.70 -24.39
CA LYS D 211 13.68 -16.24 -24.13
C LYS D 211 14.74 -16.04 -23.06
N SER D 212 15.66 -15.13 -23.29
CA SER D 212 16.82 -15.00 -22.39
C SER D 212 17.22 -13.55 -22.12
N PHE D 213 17.92 -13.31 -21.02
CA PHE D 213 18.47 -11.95 -20.75
C PHE D 213 19.87 -12.03 -20.15
N ASN D 214 20.63 -10.94 -20.28
CA ASN D 214 21.95 -10.84 -19.62
C ASN D 214 21.82 -9.90 -18.42
N ARG D 215 22.22 -10.38 -17.24
CA ARG D 215 22.04 -9.52 -16.03
C ARG D 215 22.73 -8.18 -16.25
N GLY D 216 21.93 -7.13 -16.04
CA GLY D 216 22.52 -5.79 -16.14
C GLY D 216 21.76 -4.76 -16.93
N GLU D 217 21.56 -4.95 -18.22
CA GLU D 217 20.95 -3.76 -18.90
C GLU D 217 19.44 -3.93 -18.99
N CYS D 218 18.72 -2.81 -18.94
CA CYS D 218 17.23 -2.83 -18.91
C CYS D 218 16.81 -3.72 -17.72
#